data_4URQ
#
_entry.id   4URQ
#
_cell.length_a   159.410
_cell.length_b   91.980
_cell.length_c   87.590
_cell.angle_alpha   90.00
_cell.angle_beta   90.04
_cell.angle_gamma   90.00
#
_symmetry.space_group_name_H-M   'C 1 2 1'
#
loop_
_entity.id
_entity.type
_entity.pdbx_description
1 polymer 'DIGUANYLATE CYCLASE'
2 water water
#
_entity_poly.entity_id   1
_entity_poly.type   'polypeptide(L)'
_entity_poly.pdbx_seq_one_letter_code
;MDPLTGLPNRRYFFELGNRYLDLAKREGKKVFVLFVDLAGFKAINDTYGHLSGDEVLKTVSKRILDRVARSDVVARYGGD
EFTILLYDMKEEYLKSLLERILSTFREPVRVENKHLSVTPNIGVARFPEDGENLEELLKVADMRMYKAKEMKVPYFSLSL
EHHHHHH
;
_entity_poly.pdbx_strand_id   U,V,W,X,Y,Z
#
# COMPACT_ATOMS: atom_id res chain seq x y z
N LEU A 4 -3.89 17.52 5.53
CA LEU A 4 -2.87 16.56 5.95
C LEU A 4 -3.25 15.93 7.30
N THR A 5 -3.48 16.77 8.35
CA THR A 5 -3.84 16.43 9.74
C THR A 5 -2.75 15.69 10.54
N GLY A 6 -2.03 14.80 9.85
CA GLY A 6 -1.01 13.94 10.43
C GLY A 6 -1.64 12.71 11.06
N LEU A 7 -2.97 12.78 11.33
CA LEU A 7 -3.80 11.75 11.96
C LEU A 7 -3.84 10.47 11.16
N PRO A 8 -3.70 9.31 11.85
CA PRO A 8 -3.81 8.02 11.14
C PRO A 8 -5.22 7.74 10.58
N ASN A 9 -5.30 6.72 9.72
CA ASN A 9 -6.51 6.30 9.00
C ASN A 9 -7.20 5.08 9.62
N ARG A 10 -8.34 4.66 9.01
CA ARG A 10 -9.13 3.49 9.37
C ARG A 10 -8.25 2.25 9.61
N ARG A 11 -7.39 1.87 8.62
CA ARG A 11 -6.50 0.69 8.64
C ARG A 11 -5.55 0.62 9.84
N TYR A 12 -4.97 1.77 10.22
CA TYR A 12 -4.06 1.89 11.36
C TYR A 12 -4.89 1.73 12.64
N PHE A 13 -6.01 2.47 12.76
CA PHE A 13 -6.93 2.44 13.89
C PHE A 13 -7.34 1.00 14.22
N PHE A 14 -7.68 0.22 13.20
CA PHE A 14 -8.07 -1.17 13.33
C PHE A 14 -6.99 -2.06 13.88
N GLU A 15 -5.74 -1.94 13.38
CA GLU A 15 -4.62 -2.72 13.91
C GLU A 15 -4.31 -2.40 15.35
N LEU A 16 -4.07 -1.11 15.69
CA LEU A 16 -3.86 -0.66 17.07
C LEU A 16 -5.06 -1.02 17.94
N GLY A 17 -6.27 -0.71 17.46
CA GLY A 17 -7.52 -0.98 18.14
C GLY A 17 -7.67 -2.39 18.67
N ASN A 18 -7.53 -3.40 17.79
CA ASN A 18 -7.63 -4.80 18.18
C ASN A 18 -6.56 -5.26 19.13
N ARG A 19 -5.32 -4.74 18.98
CA ARG A 19 -4.21 -5.02 19.92
C ARG A 19 -4.58 -4.54 21.31
N TYR A 20 -5.16 -3.31 21.39
CA TYR A 20 -5.64 -2.67 22.63
C TYR A 20 -6.71 -3.55 23.28
N LEU A 21 -7.65 -4.07 22.46
CA LEU A 21 -8.68 -5.01 22.93
C LEU A 21 -8.06 -6.34 23.43
N ASP A 22 -7.06 -6.93 22.66
CA ASP A 22 -6.33 -8.15 23.07
C ASP A 22 -5.70 -7.92 24.43
N LEU A 23 -5.05 -6.76 24.61
CA LEU A 23 -4.40 -6.38 25.86
C LEU A 23 -5.39 -6.22 27.00
N ALA A 24 -6.55 -5.58 26.74
CA ALA A 24 -7.63 -5.40 27.73
C ALA A 24 -8.21 -6.75 28.20
N LYS A 25 -8.42 -7.69 27.25
CA LYS A 25 -8.91 -9.07 27.48
C LYS A 25 -8.00 -9.75 28.50
N ARG A 26 -6.69 -9.69 28.28
CA ARG A 26 -5.69 -10.30 29.15
C ARG A 26 -5.56 -9.63 30.53
N GLU A 27 -5.59 -8.29 30.58
CA GLU A 27 -5.39 -7.52 31.81
C GLU A 27 -6.65 -7.30 32.65
N GLY A 28 -7.80 -7.64 32.07
CA GLY A 28 -9.10 -7.51 32.71
C GLY A 28 -9.48 -6.06 32.89
N LYS A 29 -9.38 -5.27 31.78
CA LYS A 29 -9.68 -3.84 31.71
C LYS A 29 -10.74 -3.58 30.65
N LYS A 30 -11.32 -2.38 30.73
CA LYS A 30 -12.33 -1.87 29.81
C LYS A 30 -11.65 -0.94 28.79
N VAL A 31 -12.31 -0.76 27.67
CA VAL A 31 -11.85 0.11 26.61
C VAL A 31 -13.07 0.88 26.15
N PHE A 32 -12.96 2.21 26.00
CA PHE A 32 -14.05 3.03 25.47
C PHE A 32 -13.70 3.33 24.02
N VAL A 33 -14.71 3.24 23.17
CA VAL A 33 -14.58 3.53 21.76
C VAL A 33 -15.57 4.69 21.50
N LEU A 34 -15.05 5.85 21.07
CA LEU A 34 -15.85 7.04 20.77
C LEU A 34 -15.95 7.21 19.28
N PHE A 35 -17.15 7.49 18.79
CA PHE A 35 -17.40 7.72 17.39
C PHE A 35 -17.83 9.15 17.29
N VAL A 36 -16.97 9.98 16.71
CA VAL A 36 -17.22 11.42 16.62
C VAL A 36 -17.66 11.80 15.24
N ASP A 37 -18.86 12.34 15.11
CA ASP A 37 -19.36 12.85 13.83
C ASP A 37 -19.51 14.35 13.94
N LEU A 38 -18.95 15.07 12.97
CA LEU A 38 -18.98 16.52 12.92
C LEU A 38 -19.91 16.98 11.84
N ALA A 39 -21.18 17.22 12.22
CA ALA A 39 -22.21 17.66 11.31
C ALA A 39 -21.91 19.10 10.86
N GLY A 40 -22.27 19.41 9.64
CA GLY A 40 -22.04 20.71 9.03
C GLY A 40 -20.86 20.68 8.08
N PHE A 41 -20.09 19.59 8.13
CA PHE A 41 -18.91 19.40 7.30
C PHE A 41 -19.23 19.16 5.80
N LYS A 42 -20.25 18.31 5.49
CA LYS A 42 -20.67 18.06 4.10
C LYS A 42 -21.11 19.36 3.41
N ALA A 43 -21.74 20.27 4.17
CA ALA A 43 -22.13 21.58 3.65
C ALA A 43 -20.90 22.49 3.44
N ILE A 44 -19.81 22.35 4.27
CA ILE A 44 -18.58 23.15 4.18
C ILE A 44 -17.83 22.97 2.84
N ASN A 45 -17.61 21.72 2.41
CA ASN A 45 -16.92 21.43 1.14
C ASN A 45 -17.78 21.79 -0.08
N ASP A 46 -19.09 21.55 0.00
CA ASP A 46 -20.04 21.81 -1.08
C ASP A 46 -20.25 23.31 -1.32
N THR A 47 -19.78 24.15 -0.37
CA THR A 47 -19.92 25.62 -0.45
C THR A 47 -18.56 26.30 -0.63
N TYR A 48 -17.55 25.90 0.18
CA TYR A 48 -16.23 26.55 0.23
C TYR A 48 -15.07 25.81 -0.42
N GLY A 49 -15.30 24.56 -0.77
CA GLY A 49 -14.30 23.74 -1.42
C GLY A 49 -13.52 22.89 -0.47
N HIS A 50 -12.66 22.05 -1.06
CA HIS A 50 -11.81 21.10 -0.36
C HIS A 50 -10.78 21.70 0.52
N LEU A 51 -10.07 22.76 0.08
CA LEU A 51 -9.04 23.39 0.91
C LEU A 51 -9.64 23.89 2.25
N SER A 52 -10.79 24.59 2.19
CA SER A 52 -11.49 25.10 3.35
C SER A 52 -11.96 23.97 4.25
N GLY A 53 -12.57 22.94 3.65
CA GLY A 53 -13.02 21.75 4.36
C GLY A 53 -11.89 21.00 5.02
N ASP A 54 -10.70 20.99 4.37
CA ASP A 54 -9.48 20.34 4.82
C ASP A 54 -8.81 21.10 5.94
N GLU A 55 -8.90 22.45 5.89
CA GLU A 55 -8.33 23.33 6.89
C GLU A 55 -9.11 23.19 8.20
N VAL A 56 -10.40 22.97 8.09
CA VAL A 56 -11.29 22.69 9.21
C VAL A 56 -10.90 21.33 9.81
N LEU A 57 -10.64 20.30 8.96
CA LEU A 57 -10.22 18.94 9.39
C LEU A 57 -8.90 18.98 10.14
N LYS A 58 -7.97 19.84 9.71
CA LYS A 58 -6.68 20.02 10.35
C LYS A 58 -6.84 20.62 11.79
N THR A 59 -7.76 21.60 11.96
CA THR A 59 -8.07 22.26 13.24
C THR A 59 -8.79 21.28 14.15
N VAL A 60 -9.79 20.57 13.61
CA VAL A 60 -10.56 19.56 14.34
C VAL A 60 -9.65 18.49 14.95
N SER A 61 -8.69 17.97 14.14
CA SER A 61 -7.68 16.96 14.51
C SER A 61 -6.82 17.47 15.60
N LYS A 62 -6.21 18.65 15.42
CA LYS A 62 -5.36 19.24 16.45
C LYS A 62 -6.12 19.45 17.78
N ARG A 63 -7.41 19.85 17.69
CA ARG A 63 -8.27 20.06 18.85
C ARG A 63 -8.52 18.77 19.59
N ILE A 64 -8.75 17.65 18.87
CA ILE A 64 -8.95 16.35 19.54
C ILE A 64 -7.66 15.89 20.14
N LEU A 65 -6.58 15.91 19.35
CA LEU A 65 -5.24 15.51 19.78
C LEU A 65 -4.74 16.19 21.02
N ASP A 66 -4.97 17.50 21.16
CA ASP A 66 -4.57 18.29 22.33
C ASP A 66 -5.35 17.94 23.60
N ARG A 67 -6.53 17.32 23.47
CA ARG A 67 -7.38 17.02 24.63
C ARG A 67 -7.33 15.57 25.14
N VAL A 68 -6.86 14.64 24.31
CA VAL A 68 -6.74 13.24 24.74
C VAL A 68 -5.41 13.02 25.45
N ALA A 69 -5.31 11.91 26.20
CA ALA A 69 -4.09 11.49 26.88
C ALA A 69 -3.10 10.93 25.82
N ARG A 70 -1.82 10.89 26.15
CA ARG A 70 -0.74 10.38 25.27
C ARG A 70 -1.02 8.93 24.78
N SER A 71 -1.57 8.07 25.66
CA SER A 71 -1.90 6.66 25.38
C SER A 71 -3.26 6.44 24.68
N ASP A 72 -4.01 7.52 24.38
CA ASP A 72 -5.30 7.44 23.71
C ASP A 72 -5.09 7.44 22.21
N VAL A 73 -5.85 6.60 21.49
CA VAL A 73 -5.73 6.48 20.05
C VAL A 73 -6.79 7.30 19.35
N VAL A 74 -6.34 8.25 18.56
CA VAL A 74 -7.20 9.13 17.77
C VAL A 74 -6.91 8.82 16.31
N ALA A 75 -7.97 8.70 15.50
CA ALA A 75 -7.82 8.50 14.07
C ALA A 75 -9.01 9.09 13.33
N ARG A 76 -8.87 9.33 12.04
CA ARG A 76 -9.97 9.84 11.24
C ARG A 76 -10.60 8.61 10.58
N TYR A 77 -11.92 8.42 10.73
CA TYR A 77 -12.57 7.28 10.09
C TYR A 77 -12.79 7.61 8.62
N GLY A 78 -13.57 8.65 8.34
CA GLY A 78 -13.82 9.10 6.98
C GLY A 78 -15.00 10.03 6.89
N GLY A 79 -14.84 11.10 6.11
CA GLY A 79 -15.86 12.13 5.97
C GLY A 79 -15.87 12.97 7.22
N ASP A 80 -17.07 13.16 7.81
CA ASP A 80 -17.24 13.89 9.08
C ASP A 80 -16.76 13.07 10.32
N GLU A 81 -16.10 11.89 10.13
CA GLU A 81 -15.85 10.97 11.23
C GLU A 81 -14.48 10.71 11.78
N PHE A 82 -14.41 10.71 13.12
CA PHE A 82 -13.18 10.48 13.89
C PHE A 82 -13.49 9.46 14.95
N THR A 83 -12.48 8.69 15.30
CA THR A 83 -12.62 7.63 16.29
C THR A 83 -11.59 7.85 17.38
N ILE A 84 -11.97 7.60 18.62
CA ILE A 84 -11.07 7.76 19.75
C ILE A 84 -11.16 6.49 20.56
N LEU A 85 -10.02 5.95 20.97
CA LEU A 85 -9.94 4.75 21.79
C LEU A 85 -9.27 5.08 23.13
N LEU A 86 -9.95 4.75 24.24
CA LEU A 86 -9.50 4.97 25.62
C LEU A 86 -9.27 3.63 26.29
N TYR A 87 -8.04 3.31 26.61
CA TYR A 87 -7.72 2.05 27.28
C TYR A 87 -7.78 2.28 28.79
N ASP A 88 -8.46 1.40 29.54
CA ASP A 88 -8.54 1.46 30.99
C ASP A 88 -8.62 2.89 31.56
N MET A 89 -9.73 3.58 31.29
CA MET A 89 -9.93 4.94 31.84
C MET A 89 -11.20 4.93 32.67
N LYS A 90 -11.24 5.76 33.72
CA LYS A 90 -12.43 5.85 34.58
C LYS A 90 -13.59 6.53 33.82
N GLU A 91 -14.84 6.23 34.18
CA GLU A 91 -16.04 6.83 33.54
C GLU A 91 -16.05 8.39 33.70
N GLU A 92 -15.49 8.87 34.81
CA GLU A 92 -15.28 10.27 35.15
C GLU A 92 -14.38 10.93 34.06
N TYR A 93 -13.26 10.25 33.71
CA TYR A 93 -12.33 10.70 32.68
C TYR A 93 -13.05 10.86 31.32
N LEU A 94 -13.92 9.90 30.99
CA LEU A 94 -14.71 9.91 29.77
C LEU A 94 -15.73 11.07 29.74
N LYS A 95 -16.53 11.24 30.80
CA LYS A 95 -17.53 12.33 30.90
C LYS A 95 -16.83 13.69 30.71
N SER A 96 -15.68 13.88 31.39
CA SER A 96 -14.85 15.08 31.24
C SER A 96 -14.28 15.20 29.81
N LEU A 97 -13.69 14.13 29.27
CA LEU A 97 -13.17 14.19 27.91
C LEU A 97 -14.26 14.59 26.92
N LEU A 98 -15.46 13.96 26.96
CA LEU A 98 -16.61 14.31 26.08
C LEU A 98 -16.98 15.82 26.19
N GLU A 99 -17.05 16.36 27.42
CA GLU A 99 -17.34 17.78 27.70
C GLU A 99 -16.32 18.71 27.10
N ARG A 100 -15.03 18.40 27.25
CA ARG A 100 -13.93 19.20 26.70
C ARG A 100 -13.87 19.13 25.18
N ILE A 101 -14.19 17.97 24.59
CA ILE A 101 -14.25 17.86 23.14
C ILE A 101 -15.46 18.67 22.61
N LEU A 102 -16.67 18.46 23.18
CA LEU A 102 -17.86 19.23 22.77
C LEU A 102 -17.67 20.74 22.87
N SER A 103 -17.07 21.21 24.00
CA SER A 103 -16.73 22.61 24.24
C SER A 103 -15.88 23.19 23.11
N THR A 104 -14.88 22.43 22.64
CA THR A 104 -14.00 22.85 21.54
C THR A 104 -14.67 23.15 20.21
N PHE A 105 -15.79 22.48 19.88
CA PHE A 105 -16.57 22.67 18.65
C PHE A 105 -17.71 23.64 18.73
N ARG A 106 -17.85 24.32 19.88
CA ARG A 106 -18.83 25.36 20.08
C ARG A 106 -18.21 26.60 19.40
N GLU A 107 -16.84 26.62 19.35
CA GLU A 107 -16.00 27.65 18.72
C GLU A 107 -16.04 27.46 17.17
N PRO A 108 -16.76 28.35 16.38
CA PRO A 108 -16.77 28.20 14.90
C PRO A 108 -15.33 28.30 14.41
N VAL A 109 -14.94 27.41 13.50
CA VAL A 109 -13.56 27.33 13.02
C VAL A 109 -13.20 28.47 12.08
N ARG A 110 -12.07 29.13 12.34
CA ARG A 110 -11.58 30.19 11.48
C ARG A 110 -10.70 29.62 10.40
N VAL A 111 -11.18 29.68 9.17
CA VAL A 111 -10.40 29.29 8.01
C VAL A 111 -10.43 30.49 7.07
N GLU A 112 -9.28 31.16 6.87
CA GLU A 112 -9.16 32.37 6.05
C GLU A 112 -9.91 33.54 6.74
N ASN A 113 -10.85 34.17 6.00
CA ASN A 113 -11.70 35.28 6.41
C ASN A 113 -13.10 34.71 6.75
N LYS A 114 -13.19 33.36 6.84
CA LYS A 114 -14.43 32.66 7.14
C LYS A 114 -14.44 32.16 8.60
N HIS A 115 -15.65 31.94 9.13
CA HIS A 115 -15.92 31.46 10.47
C HIS A 115 -16.92 30.35 10.23
N LEU A 116 -16.37 29.12 10.14
CA LEU A 116 -17.11 27.93 9.76
C LEU A 116 -17.58 27.11 10.94
N SER A 117 -18.85 26.71 10.92
CA SER A 117 -19.39 25.96 12.03
C SER A 117 -19.64 24.48 11.78
N VAL A 118 -19.19 23.68 12.77
CA VAL A 118 -19.39 22.24 12.84
C VAL A 118 -20.02 21.91 14.18
N THR A 119 -20.95 20.95 14.18
CA THR A 119 -21.64 20.50 15.38
C THR A 119 -21.18 19.07 15.71
N PRO A 120 -20.69 18.83 16.94
CA PRO A 120 -20.26 17.47 17.28
C PRO A 120 -21.38 16.56 17.81
N ASN A 121 -21.31 15.31 17.37
CA ASN A 121 -22.17 14.19 17.76
C ASN A 121 -21.26 13.00 18.03
N ILE A 122 -21.27 12.52 19.28
CA ILE A 122 -20.41 11.43 19.74
C ILE A 122 -21.22 10.26 20.29
N GLY A 123 -20.82 9.04 19.92
CA GLY A 123 -21.39 7.80 20.41
C GLY A 123 -20.32 7.01 21.11
N VAL A 124 -20.65 6.44 22.27
CA VAL A 124 -19.70 5.64 23.05
C VAL A 124 -20.13 4.19 23.13
N ALA A 125 -19.13 3.29 23.07
CA ALA A 125 -19.24 1.84 23.26
C ALA A 125 -18.16 1.45 24.26
N ARG A 126 -18.43 0.41 25.05
CA ARG A 126 -17.51 -0.11 26.06
C ARG A 126 -17.17 -1.57 25.80
N PHE A 127 -15.88 -1.87 25.81
CA PHE A 127 -15.41 -3.22 25.70
C PHE A 127 -15.22 -3.71 27.15
N PRO A 128 -15.65 -4.94 27.54
CA PRO A 128 -16.28 -6.01 26.73
C PRO A 128 -17.79 -5.93 26.46
N GLU A 129 -18.60 -5.27 27.34
CA GLU A 129 -20.07 -5.15 27.27
C GLU A 129 -20.68 -5.02 25.87
N ASP A 130 -20.16 -4.10 25.05
CA ASP A 130 -20.72 -3.82 23.74
C ASP A 130 -20.19 -4.65 22.56
N GLY A 131 -19.16 -5.46 22.79
CA GLY A 131 -18.58 -6.28 21.73
C GLY A 131 -17.17 -6.73 22.02
N GLU A 132 -16.70 -7.76 21.27
CA GLU A 132 -15.38 -8.36 21.44
C GLU A 132 -14.30 -7.94 20.42
N ASN A 133 -14.70 -7.23 19.36
CA ASN A 133 -13.79 -6.68 18.36
C ASN A 133 -14.13 -5.21 18.04
N LEU A 134 -13.20 -4.52 17.37
CA LEU A 134 -13.30 -3.11 17.03
C LEU A 134 -14.43 -2.77 16.07
N GLU A 135 -14.70 -3.68 15.12
CA GLU A 135 -15.78 -3.54 14.12
C GLU A 135 -17.17 -3.50 14.82
N GLU A 136 -17.40 -4.40 15.82
CA GLU A 136 -18.62 -4.50 16.63
C GLU A 136 -18.83 -3.23 17.46
N LEU A 137 -17.79 -2.82 18.24
CA LEU A 137 -17.79 -1.63 19.09
C LEU A 137 -18.03 -0.36 18.33
N LEU A 138 -17.46 -0.23 17.12
CA LEU A 138 -17.64 0.95 16.27
C LEU A 138 -19.03 1.06 15.75
N LYS A 139 -19.67 -0.10 15.51
CA LYS A 139 -21.04 -0.17 15.02
C LYS A 139 -22.01 0.26 16.13
N VAL A 140 -21.77 -0.20 17.38
CA VAL A 140 -22.56 0.19 18.55
C VAL A 140 -22.41 1.72 18.79
N ALA A 141 -21.15 2.24 18.79
CA ALA A 141 -20.81 3.64 18.94
C ALA A 141 -21.46 4.48 17.83
N ASP A 142 -21.42 3.99 16.56
CA ASP A 142 -22.01 4.65 15.38
C ASP A 142 -23.56 4.73 15.49
N MET A 143 -24.19 3.68 16.02
CA MET A 143 -25.63 3.57 16.27
C MET A 143 -26.03 4.58 17.35
N ARG A 144 -25.19 4.69 18.40
CA ARG A 144 -25.39 5.60 19.52
C ARG A 144 -25.14 7.07 19.17
N MET A 145 -24.21 7.36 18.23
CA MET A 145 -24.02 8.74 17.78
C MET A 145 -25.18 9.11 16.87
N TYR A 146 -25.71 8.13 16.10
CA TYR A 146 -26.87 8.38 15.24
C TYR A 146 -28.12 8.61 16.09
N LYS A 147 -28.22 7.93 17.27
CA LYS A 147 -29.33 8.14 18.21
C LYS A 147 -29.20 9.57 18.72
N ALA A 148 -27.97 9.98 19.13
CA ALA A 148 -27.68 11.33 19.60
C ALA A 148 -27.97 12.39 18.53
N LYS A 149 -27.58 12.13 17.26
CA LYS A 149 -27.78 12.99 16.09
C LYS A 149 -29.28 13.29 15.85
N GLU A 150 -30.12 12.24 15.77
CA GLU A 150 -31.56 12.35 15.57
C GLU A 150 -32.28 12.97 16.78
N MET A 151 -31.75 12.72 18.01
CA MET A 151 -32.32 13.26 19.27
C MET A 151 -31.93 14.70 19.53
N LYS A 152 -31.05 15.27 18.67
CA LYS A 152 -30.52 16.64 18.78
C LYS A 152 -29.75 16.92 20.10
N VAL A 153 -29.20 15.84 20.73
CA VAL A 153 -28.37 15.86 21.96
C VAL A 153 -26.88 15.73 21.57
N PRO A 154 -25.89 16.15 22.42
CA PRO A 154 -24.48 16.05 21.99
C PRO A 154 -23.86 14.66 21.98
N TYR A 155 -24.16 13.86 23.02
CA TYR A 155 -23.60 12.53 23.15
C TYR A 155 -24.55 11.48 23.74
N PHE A 156 -24.33 10.21 23.33
CA PHE A 156 -25.06 9.05 23.82
C PHE A 156 -24.10 7.91 24.24
N SER A 157 -24.17 7.56 25.55
CA SER A 157 -23.38 6.53 26.21
C SER A 157 -24.22 5.30 26.59
N THR B 5 12.15 0.52 -14.21
CA THR B 5 11.91 -0.54 -15.20
C THR B 5 10.48 -0.47 -15.77
N GLY B 6 9.54 -0.03 -14.93
CA GLY B 6 8.12 0.04 -15.24
C GLY B 6 7.43 -1.29 -14.98
N LEU B 7 8.25 -2.38 -14.88
CA LEU B 7 7.82 -3.76 -14.65
C LEU B 7 7.12 -3.94 -13.32
N PRO B 8 5.99 -4.70 -13.32
CA PRO B 8 5.29 -4.97 -12.05
C PRO B 8 6.10 -5.85 -11.07
N ASN B 9 5.63 -5.90 -9.81
CA ASN B 9 6.26 -6.60 -8.69
C ASN B 9 5.61 -7.97 -8.37
N ARG B 10 6.17 -8.68 -7.37
CA ARG B 10 5.70 -9.97 -6.86
C ARG B 10 4.17 -9.97 -6.63
N ARG B 11 3.63 -8.99 -5.85
CA ARG B 11 2.20 -8.87 -5.50
C ARG B 11 1.23 -8.81 -6.69
N TYR B 12 1.62 -8.08 -7.75
CA TYR B 12 0.85 -7.94 -9.00
C TYR B 12 0.89 -9.28 -9.74
N PHE B 13 2.13 -9.85 -9.91
CA PHE B 13 2.37 -11.13 -10.57
C PHE B 13 1.46 -12.22 -10.00
N PHE B 14 1.36 -12.28 -8.67
CA PHE B 14 0.55 -13.25 -7.96
C PHE B 14 -0.93 -13.12 -8.25
N GLU B 15 -1.48 -11.89 -8.22
CA GLU B 15 -2.89 -11.68 -8.55
C GLU B 15 -3.24 -12.04 -9.97
N LEU B 16 -2.51 -11.48 -10.97
CA LEU B 16 -2.68 -11.84 -12.38
C LEU B 16 -2.43 -13.33 -12.60
N GLY B 17 -1.32 -13.83 -12.04
CA GLY B 17 -0.91 -15.23 -12.12
C GLY B 17 -2.01 -16.22 -11.82
N ASN B 18 -2.61 -16.12 -10.60
CA ASN B 18 -3.69 -16.99 -10.17
C ASN B 18 -4.95 -16.90 -11.00
N ARG B 19 -5.28 -15.68 -11.46
CA ARG B 19 -6.42 -15.47 -12.38
C ARG B 19 -6.20 -16.25 -13.67
N TYR B 20 -4.95 -16.19 -14.21
CA TYR B 20 -4.53 -16.90 -15.42
C TYR B 20 -4.68 -18.40 -15.22
N LEU B 21 -4.26 -18.91 -14.04
CA LEU B 21 -4.44 -20.32 -13.66
C LEU B 21 -5.94 -20.70 -13.54
N ASP B 22 -6.79 -19.82 -12.87
CA ASP B 22 -8.26 -20.02 -12.77
C ASP B 22 -8.85 -20.16 -14.16
N LEU B 23 -8.45 -19.26 -15.09
CA LEU B 23 -8.90 -19.27 -16.47
C LEU B 23 -8.47 -20.53 -17.21
N ALA B 24 -7.21 -20.97 -17.03
CA ALA B 24 -6.67 -22.19 -17.65
C ALA B 24 -7.42 -23.45 -17.18
N LYS B 25 -7.74 -23.53 -15.85
CA LYS B 25 -8.50 -24.60 -15.20
C LYS B 25 -9.83 -24.76 -15.94
N ARG B 26 -10.57 -23.65 -16.12
CA ARG B 26 -11.87 -23.63 -16.79
C ARG B 26 -11.81 -23.98 -18.29
N GLU B 27 -10.81 -23.44 -19.01
CA GLU B 27 -10.69 -23.60 -20.48
C GLU B 27 -9.97 -24.86 -20.92
N GLY B 28 -9.35 -25.55 -19.97
CA GLY B 28 -8.62 -26.78 -20.22
C GLY B 28 -7.35 -26.52 -21.01
N LYS B 29 -6.54 -25.53 -20.54
CA LYS B 29 -5.29 -25.08 -21.15
C LYS B 29 -4.15 -25.20 -20.15
N LYS B 30 -2.94 -25.14 -20.67
CA LYS B 30 -1.69 -25.19 -19.91
C LYS B 30 -1.17 -23.75 -19.74
N VAL B 31 -0.30 -23.58 -18.75
CA VAL B 31 0.32 -22.32 -18.45
C VAL B 31 1.77 -22.65 -18.15
N PHE B 32 2.73 -21.92 -18.75
CA PHE B 32 4.15 -22.08 -18.45
C PHE B 32 4.55 -20.95 -17.52
N VAL B 33 5.32 -21.30 -16.51
CA VAL B 33 5.83 -20.36 -15.54
C VAL B 33 7.37 -20.45 -15.66
N LEU B 34 8.01 -19.34 -16.05
CA LEU B 34 9.48 -19.26 -16.20
C LEU B 34 10.04 -18.50 -15.04
N PHE B 35 11.12 -19.01 -14.46
CA PHE B 35 11.81 -18.36 -13.37
C PHE B 35 13.17 -18.01 -13.93
N VAL B 36 13.40 -16.71 -14.10
CA VAL B 36 14.63 -16.24 -14.73
C VAL B 36 15.57 -15.69 -13.69
N ASP B 37 16.77 -16.29 -13.61
CA ASP B 37 17.79 -15.79 -12.70
C ASP B 37 18.97 -15.26 -13.50
N LEU B 38 19.42 -14.06 -13.15
CA LEU B 38 20.54 -13.42 -13.83
C LEU B 38 21.72 -13.42 -12.92
N ALA B 39 22.60 -14.41 -13.07
CA ALA B 39 23.81 -14.51 -12.29
C ALA B 39 24.78 -13.41 -12.74
N GLY B 40 25.55 -12.90 -11.79
CA GLY B 40 26.51 -11.84 -12.02
C GLY B 40 26.00 -10.52 -11.50
N PHE B 41 24.70 -10.47 -11.19
CA PHE B 41 24.05 -9.26 -10.70
C PHE B 41 24.45 -8.82 -9.27
N LYS B 42 24.59 -9.79 -8.32
CA LYS B 42 25.03 -9.50 -6.96
C LYS B 42 26.45 -8.88 -6.98
N ALA B 43 27.31 -9.33 -7.91
CA ALA B 43 28.65 -8.80 -8.09
C ALA B 43 28.64 -7.39 -8.70
N ILE B 44 27.68 -7.08 -9.63
CA ILE B 44 27.53 -5.77 -10.29
C ILE B 44 27.30 -4.63 -9.29
N ASN B 45 26.32 -4.79 -8.37
CA ASN B 45 26.00 -3.78 -7.36
C ASN B 45 27.10 -3.64 -6.30
N ASP B 46 27.73 -4.77 -5.91
CA ASP B 46 28.80 -4.80 -4.92
C ASP B 46 30.11 -4.19 -5.44
N THR B 47 30.13 -3.80 -6.73
CA THR B 47 31.32 -3.21 -7.37
C THR B 47 31.02 -1.83 -7.95
N TYR B 48 29.91 -1.69 -8.72
CA TYR B 48 29.55 -0.47 -9.45
C TYR B 48 28.45 0.38 -8.84
N GLY B 49 27.74 -0.16 -7.87
CA GLY B 49 26.68 0.56 -7.19
C GLY B 49 25.31 0.35 -7.78
N HIS B 50 24.33 0.84 -7.02
CA HIS B 50 22.91 0.74 -7.33
C HIS B 50 22.49 1.31 -8.63
N LEU B 51 22.96 2.51 -9.01
CA LEU B 51 22.58 3.12 -10.29
C LEU B 51 22.97 2.20 -11.47
N SER B 52 24.21 1.68 -11.46
CA SER B 52 24.71 0.79 -12.48
C SER B 52 23.92 -0.52 -12.51
N GLY B 53 23.70 -1.11 -11.34
CA GLY B 53 22.89 -2.32 -11.19
C GLY B 53 21.45 -2.14 -11.64
N ASP B 54 20.91 -0.92 -11.44
CA ASP B 54 19.55 -0.53 -11.79
C ASP B 54 19.41 -0.30 -13.27
N GLU B 55 20.46 0.26 -13.89
CA GLU B 55 20.49 0.53 -15.33
C GLU B 55 20.53 -0.80 -16.09
N VAL B 56 21.22 -1.78 -15.55
CA VAL B 56 21.28 -3.14 -16.08
C VAL B 56 19.86 -3.77 -15.98
N LEU B 57 19.15 -3.57 -14.81
CA LEU B 57 17.79 -4.07 -14.57
C LEU B 57 16.81 -3.46 -15.56
N LYS B 58 16.98 -2.18 -15.90
CA LYS B 58 16.14 -1.47 -16.86
C LYS B 58 16.30 -2.08 -18.30
N THR B 59 17.55 -2.43 -18.69
CA THR B 59 17.89 -3.04 -19.99
C THR B 59 17.36 -4.47 -20.03
N VAL B 60 17.59 -5.23 -18.96
CA VAL B 60 17.13 -6.61 -18.82
C VAL B 60 15.61 -6.71 -19.01
N SER B 61 14.86 -5.80 -18.34
CA SER B 61 13.38 -5.68 -18.39
C SER B 61 12.93 -5.39 -19.77
N LYS B 62 13.47 -4.33 -20.39
CA LYS B 62 13.12 -3.97 -21.77
C LYS B 62 13.39 -5.14 -22.76
N ARG B 63 14.50 -5.87 -22.55
CA ARG B 63 14.88 -7.02 -23.38
C ARG B 63 13.88 -8.13 -23.25
N ILE B 64 13.40 -8.43 -22.01
CA ILE B 64 12.39 -9.48 -21.84
C ILE B 64 11.08 -9.03 -22.45
N LEU B 65 10.64 -7.82 -22.09
CA LEU B 65 9.40 -7.21 -22.58
C LEU B 65 9.26 -7.19 -24.07
N ASP B 66 10.34 -6.87 -24.81
CA ASP B 66 10.36 -6.84 -26.28
C ASP B 66 10.26 -8.22 -26.93
N ARG B 67 10.58 -9.29 -26.19
CA ARG B 67 10.59 -10.65 -26.75
C ARG B 67 9.36 -11.51 -26.43
N VAL B 68 8.57 -11.13 -25.41
CA VAL B 68 7.35 -11.88 -25.06
C VAL B 68 6.17 -11.35 -25.87
N ALA B 69 5.09 -12.14 -25.95
CA ALA B 69 3.85 -11.77 -26.59
C ALA B 69 3.10 -10.74 -25.69
N ARG B 70 2.17 -9.99 -26.27
CA ARG B 70 1.35 -8.97 -25.58
C ARG B 70 0.59 -9.57 -24.36
N SER B 71 0.08 -10.81 -24.49
CA SER B 71 -0.68 -11.52 -23.45
C SER B 71 0.19 -12.25 -22.40
N ASP B 72 1.54 -12.17 -22.53
CA ASP B 72 2.46 -12.80 -21.59
C ASP B 72 2.74 -11.88 -20.43
N VAL B 73 2.77 -12.44 -19.22
CA VAL B 73 2.99 -11.66 -18.01
C VAL B 73 4.42 -11.72 -17.58
N VAL B 74 5.07 -10.58 -17.55
CA VAL B 74 6.46 -10.42 -17.12
C VAL B 74 6.43 -9.58 -15.84
N ALA B 75 7.22 -9.99 -14.84
CA ALA B 75 7.35 -9.25 -13.59
C ALA B 75 8.72 -9.48 -12.99
N ARG B 76 9.15 -8.60 -12.10
CA ARG B 76 10.42 -8.79 -11.41
C ARG B 76 10.08 -9.45 -10.08
N TYR B 77 10.71 -10.58 -9.77
CA TYR B 77 10.44 -11.23 -8.48
C TYR B 77 11.21 -10.50 -7.39
N GLY B 78 12.53 -10.44 -7.51
CA GLY B 78 13.36 -9.74 -6.55
C GLY B 78 14.81 -10.14 -6.68
N GLY B 79 15.69 -9.16 -6.59
CA GLY B 79 17.13 -9.38 -6.76
C GLY B 79 17.42 -9.72 -8.21
N ASP B 80 18.21 -10.78 -8.43
CA ASP B 80 18.53 -11.26 -9.78
C ASP B 80 17.31 -11.96 -10.47
N GLU B 81 16.04 -11.81 -9.95
CA GLU B 81 14.92 -12.62 -10.43
C GLU B 81 13.74 -12.00 -11.13
N PHE B 82 13.32 -12.65 -12.22
CA PHE B 82 12.19 -12.26 -13.06
C PHE B 82 11.33 -13.47 -13.32
N THR B 83 10.05 -13.23 -13.46
CA THR B 83 9.09 -14.30 -13.71
C THR B 83 8.33 -14.00 -14.98
N ILE B 84 8.05 -15.04 -15.76
CA ILE B 84 7.31 -14.90 -17.01
C ILE B 84 6.22 -15.93 -16.99
N LEU B 85 5.00 -15.52 -17.35
CA LEU B 85 3.84 -16.41 -17.43
C LEU B 85 3.31 -16.46 -18.86
N LEU B 86 3.20 -17.68 -19.42
CA LEU B 86 2.73 -17.96 -20.77
C LEU B 86 1.42 -18.73 -20.67
N TYR B 87 0.33 -18.11 -21.11
CA TYR B 87 -0.98 -18.77 -21.09
C TYR B 87 -1.17 -19.49 -22.43
N ASP B 88 -1.59 -20.77 -22.39
CA ASP B 88 -1.90 -21.55 -23.58
C ASP B 88 -0.93 -21.29 -24.76
N MET B 89 0.34 -21.67 -24.61
CA MET B 89 1.31 -21.51 -25.71
C MET B 89 1.87 -22.87 -26.06
N LYS B 90 2.24 -23.09 -27.32
CA LYS B 90 2.82 -24.37 -27.75
C LYS B 90 4.24 -24.54 -27.17
N GLU B 91 4.70 -25.79 -26.99
CA GLU B 91 6.05 -26.08 -26.45
C GLU B 91 7.17 -25.49 -27.38
N GLU B 92 6.88 -25.43 -28.69
CA GLU B 92 7.70 -24.85 -29.74
C GLU B 92 7.90 -23.34 -29.44
N TYR B 93 6.81 -22.61 -29.10
CA TYR B 93 6.83 -21.20 -28.73
C TYR B 93 7.75 -20.97 -27.51
N LEU B 94 7.66 -21.86 -26.53
CA LEU B 94 8.48 -21.82 -25.32
C LEU B 94 9.97 -22.04 -25.63
N LYS B 95 10.32 -23.10 -26.40
CA LYS B 95 11.72 -23.40 -26.76
C LYS B 95 12.34 -22.19 -27.49
N SER B 96 11.58 -21.61 -28.43
CA SER B 96 11.99 -20.40 -29.16
C SER B 96 12.10 -19.19 -28.23
N LEU B 97 11.09 -18.94 -27.39
CA LEU B 97 11.19 -17.83 -26.45
C LEU B 97 12.43 -17.95 -25.57
N LEU B 98 12.72 -19.14 -24.99
CA LEU B 98 13.92 -19.38 -24.13
C LEU B 98 15.23 -19.06 -24.87
N GLU B 99 15.34 -19.49 -26.14
CA GLU B 99 16.48 -19.24 -27.02
C GLU B 99 16.70 -17.78 -27.27
N ARG B 100 15.63 -17.05 -27.60
CA ARG B 100 15.68 -15.59 -27.84
C ARG B 100 16.00 -14.80 -26.56
N ILE B 101 15.50 -15.24 -25.40
CA ILE B 101 15.85 -14.58 -24.15
C ILE B 101 17.33 -14.85 -23.81
N LEU B 102 17.78 -16.12 -23.85
CA LEU B 102 19.19 -16.46 -23.58
C LEU B 102 20.17 -15.73 -24.51
N SER B 103 19.83 -15.65 -25.81
CA SER B 103 20.60 -14.92 -26.83
C SER B 103 20.80 -13.45 -26.41
N THR B 104 19.78 -12.74 -25.88
CA THR B 104 19.97 -11.32 -25.45
C THR B 104 21.00 -11.12 -24.39
N PHE B 105 21.09 -12.04 -23.43
CA PHE B 105 22.04 -11.93 -22.32
C PHE B 105 23.43 -12.38 -22.60
N ARG B 106 23.71 -12.77 -23.85
CA ARG B 106 25.05 -13.13 -24.31
C ARG B 106 25.73 -11.78 -24.56
N GLU B 107 24.91 -10.74 -24.87
CA GLU B 107 25.32 -9.34 -25.11
C GLU B 107 25.62 -8.65 -23.75
N PRO B 108 26.92 -8.39 -23.39
CA PRO B 108 27.21 -7.70 -22.11
C PRO B 108 26.54 -6.34 -22.14
N VAL B 109 25.86 -5.96 -21.04
CA VAL B 109 25.10 -4.73 -20.97
C VAL B 109 25.99 -3.51 -20.90
N ARG B 110 25.70 -2.52 -21.74
CA ARG B 110 26.45 -1.28 -21.73
C ARG B 110 25.81 -0.27 -20.81
N VAL B 111 26.46 -0.01 -19.67
CA VAL B 111 26.02 0.98 -18.68
C VAL B 111 27.16 1.99 -18.61
N GLU B 112 26.93 3.24 -19.07
CA GLU B 112 27.98 4.29 -19.07
C GLU B 112 29.12 3.87 -20.03
N ASN B 113 30.36 3.82 -19.47
CA ASN B 113 31.61 3.44 -20.13
C ASN B 113 31.96 2.00 -19.73
N LYS B 114 30.99 1.29 -19.11
CA LYS B 114 31.15 -0.07 -18.64
C LYS B 114 30.40 -1.06 -19.55
N HIS B 115 30.87 -2.31 -19.58
CA HIS B 115 30.35 -3.44 -20.37
C HIS B 115 30.18 -4.53 -19.34
N LEU B 116 28.94 -4.59 -18.79
CA LEU B 116 28.60 -5.46 -17.67
C LEU B 116 27.97 -6.76 -18.10
N SER B 117 28.46 -7.86 -17.54
CA SER B 117 27.94 -9.16 -17.92
C SER B 117 27.08 -9.85 -16.88
N VAL B 118 25.94 -10.36 -17.36
CA VAL B 118 24.97 -11.17 -16.64
C VAL B 118 24.75 -12.47 -17.39
N THR B 119 24.65 -13.58 -16.66
CA THR B 119 24.41 -14.91 -17.23
C THR B 119 22.99 -15.35 -16.88
N PRO B 120 22.17 -15.74 -17.89
CA PRO B 120 20.82 -16.19 -17.57
C PRO B 120 20.69 -17.68 -17.23
N ASN B 121 19.86 -17.96 -16.22
CA ASN B 121 19.46 -19.27 -15.73
C ASN B 121 17.95 -19.30 -15.61
N ILE B 122 17.29 -20.14 -16.43
CA ILE B 122 15.84 -20.24 -16.49
C ILE B 122 15.32 -21.62 -16.12
N GLY B 123 14.32 -21.65 -15.24
CA GLY B 123 13.61 -22.86 -14.85
C GLY B 123 12.17 -22.74 -15.32
N VAL B 124 11.61 -23.86 -15.81
CA VAL B 124 10.23 -23.91 -16.30
C VAL B 124 9.39 -24.88 -15.51
N ALA B 125 8.13 -24.51 -15.28
CA ALA B 125 7.07 -25.30 -14.65
C ALA B 125 5.85 -25.19 -15.55
N ARG B 126 5.03 -26.24 -15.58
CA ARG B 126 3.80 -26.31 -16.38
C ARG B 126 2.58 -26.56 -15.51
N PHE B 127 1.58 -25.75 -15.71
CA PHE B 127 0.30 -25.93 -15.05
C PHE B 127 -0.56 -26.74 -16.02
N PRO B 128 -1.31 -27.80 -15.60
CA PRO B 128 -1.49 -28.31 -14.22
C PRO B 128 -0.42 -29.25 -13.63
N GLU B 129 0.32 -30.00 -14.47
CA GLU B 129 1.34 -31.01 -14.07
C GLU B 129 2.18 -30.68 -12.84
N ASP B 130 2.76 -29.49 -12.78
CA ASP B 130 3.67 -29.11 -11.71
C ASP B 130 3.05 -28.47 -10.47
N GLY B 131 1.75 -28.18 -10.51
CA GLY B 131 1.07 -27.55 -9.39
C GLY B 131 -0.22 -26.85 -9.76
N GLU B 132 -1.07 -26.56 -8.75
CA GLU B 132 -2.38 -25.93 -8.95
C GLU B 132 -2.48 -24.43 -8.61
N ASN B 133 -1.41 -23.88 -8.01
CA ASN B 133 -1.31 -22.45 -7.73
C ASN B 133 0.09 -21.90 -8.12
N LEU B 134 0.19 -20.56 -8.19
CA LEU B 134 1.38 -19.85 -8.60
C LEU B 134 2.58 -20.05 -7.70
N GLU B 135 2.34 -20.16 -6.39
CA GLU B 135 3.37 -20.39 -5.36
C GLU B 135 4.07 -21.75 -5.58
N GLU B 136 3.29 -22.82 -5.86
CA GLU B 136 3.76 -24.18 -6.15
C GLU B 136 4.60 -24.21 -7.43
N LEU B 137 4.04 -23.68 -8.55
CA LEU B 137 4.71 -23.59 -9.85
C LEU B 137 6.00 -22.83 -9.83
N LEU B 138 6.07 -21.73 -9.06
CA LEU B 138 7.27 -20.92 -8.92
C LEU B 138 8.36 -21.62 -8.18
N LYS B 139 7.99 -22.47 -7.21
CA LYS B 139 8.94 -23.26 -6.44
C LYS B 139 9.54 -24.38 -7.31
N VAL B 140 8.71 -25.03 -8.15
CA VAL B 140 9.16 -26.06 -9.09
C VAL B 140 10.13 -25.41 -10.11
N ALA B 141 9.73 -24.25 -10.72
CA ALA B 141 10.52 -23.47 -11.65
C ALA B 141 11.82 -23.01 -11.01
N ASP B 142 11.78 -22.54 -9.74
CA ASP B 142 12.94 -22.08 -8.96
C ASP B 142 13.93 -23.23 -8.68
N MET B 143 13.41 -24.44 -8.40
CA MET B 143 14.15 -25.69 -8.17
C MET B 143 14.87 -26.09 -9.47
N ARG B 144 14.15 -25.97 -10.59
CA ARG B 144 14.65 -26.30 -11.93
C ARG B 144 15.65 -25.29 -12.46
N MET B 145 15.53 -23.99 -12.09
CA MET B 145 16.54 -23.01 -12.48
C MET B 145 17.77 -23.24 -11.65
N TYR B 146 17.61 -23.64 -10.37
CA TYR B 146 18.74 -23.96 -9.49
C TYR B 146 19.46 -25.20 -9.96
N LYS B 147 18.72 -26.21 -10.53
CA LYS B 147 19.31 -27.42 -11.11
C LYS B 147 20.14 -26.96 -12.31
N ALA B 148 19.56 -26.10 -13.19
CA ALA B 148 20.24 -25.53 -14.35
C ALA B 148 21.49 -24.74 -13.95
N LYS B 149 21.38 -23.90 -12.90
CA LYS B 149 22.46 -23.06 -12.35
C LYS B 149 23.67 -23.89 -11.94
N GLU B 150 23.44 -24.92 -11.10
CA GLU B 150 24.48 -25.82 -10.59
C GLU B 150 25.07 -26.71 -11.70
N MET B 151 24.24 -27.08 -12.71
CA MET B 151 24.66 -27.92 -13.84
C MET B 151 25.41 -27.15 -14.91
N LYS B 152 25.51 -25.82 -14.76
CA LYS B 152 26.15 -24.89 -15.70
C LYS B 152 25.53 -24.90 -17.13
N VAL B 153 24.23 -25.30 -17.22
CA VAL B 153 23.40 -25.31 -18.45
C VAL B 153 22.47 -24.05 -18.44
N PRO B 154 21.94 -23.58 -19.60
CA PRO B 154 21.13 -22.35 -19.57
C PRO B 154 19.70 -22.50 -19.02
N TYR B 155 19.03 -23.60 -19.39
CA TYR B 155 17.66 -23.85 -18.99
C TYR B 155 17.33 -25.31 -18.68
N PHE B 156 16.31 -25.50 -17.80
CA PHE B 156 15.78 -26.80 -17.40
C PHE B 156 14.22 -26.77 -17.36
N SER B 157 13.60 -27.62 -18.20
CA SER B 157 12.15 -27.77 -18.33
C SER B 157 11.72 -29.21 -18.03
N LEU C 4 39.56 -4.64 -38.75
CA LEU C 4 38.30 -4.03 -38.31
C LEU C 4 37.41 -5.06 -37.61
N THR C 5 36.52 -5.74 -38.40
CA THR C 5 35.59 -6.79 -37.95
C THR C 5 36.38 -8.09 -37.78
N GLY C 6 37.50 -8.17 -38.50
CA GLY C 6 38.38 -9.32 -38.55
C GLY C 6 37.80 -10.41 -39.44
N LEU C 7 36.48 -10.27 -39.77
CA LEU C 7 35.68 -11.18 -40.58
C LEU C 7 36.21 -11.33 -41.99
N PRO C 8 36.28 -12.58 -42.49
CA PRO C 8 36.71 -12.80 -43.88
C PRO C 8 35.72 -12.26 -44.92
N ASN C 9 36.20 -12.18 -46.18
CA ASN C 9 35.47 -11.65 -47.34
C ASN C 9 34.91 -12.75 -48.26
N ARG C 10 34.21 -12.31 -49.34
CA ARG C 10 33.64 -13.17 -50.38
C ARG C 10 34.63 -14.25 -50.87
N ARG C 11 35.86 -13.85 -51.31
CA ARG C 11 36.91 -14.74 -51.84
C ARG C 11 37.34 -15.87 -50.92
N TYR C 12 37.44 -15.60 -49.60
CA TYR C 12 37.80 -16.58 -48.57
C TYR C 12 36.62 -17.53 -48.40
N PHE C 13 35.40 -16.96 -48.22
CA PHE C 13 34.15 -17.72 -48.06
C PHE C 13 34.00 -18.77 -49.14
N PHE C 14 34.25 -18.37 -50.40
CA PHE C 14 34.17 -19.24 -51.56
C PHE C 14 35.14 -20.41 -51.53
N GLU C 15 36.41 -20.16 -51.19
CA GLU C 15 37.39 -21.24 -51.07
C GLU C 15 37.07 -22.23 -49.97
N LEU C 16 36.86 -21.75 -48.72
CA LEU C 16 36.43 -22.60 -47.60
C LEU C 16 35.10 -23.28 -47.93
N GLY C 17 34.12 -22.50 -48.41
CA GLY C 17 32.79 -22.97 -48.78
C GLY C 17 32.78 -24.21 -49.64
N ASN C 18 33.46 -24.17 -50.80
CA ASN C 18 33.54 -25.29 -51.72
C ASN C 18 34.25 -26.50 -51.16
N ARG C 19 35.30 -26.28 -50.35
CA ARG C 19 36.01 -27.37 -49.65
C ARG C 19 35.04 -28.10 -48.72
N TYR C 20 34.21 -27.32 -47.99
CA TYR C 20 33.18 -27.83 -47.08
C TYR C 20 32.18 -28.67 -47.84
N LEU C 21 31.75 -28.19 -49.03
CA LEU C 21 30.86 -28.93 -49.94
C LEU C 21 31.54 -30.23 -50.45
N ASP C 22 32.86 -30.16 -50.88
CA ASP C 22 33.64 -31.34 -51.32
C ASP C 22 33.66 -32.37 -50.22
N LEU C 23 33.91 -31.93 -48.98
CA LEU C 23 33.94 -32.80 -47.80
C LEU C 23 32.57 -33.43 -47.51
N ALA C 24 31.49 -32.63 -47.61
CA ALA C 24 30.11 -33.11 -47.41
C ALA C 24 29.71 -34.19 -48.44
N LYS C 25 30.09 -33.98 -49.73
CA LYS C 25 29.88 -34.88 -50.86
C LYS C 25 30.47 -36.25 -50.50
N ARG C 26 31.72 -36.27 -50.05
CA ARG C 26 32.42 -37.50 -49.67
C ARG C 26 31.88 -38.19 -48.42
N GLU C 27 31.53 -37.42 -47.38
CA GLU C 27 31.07 -37.96 -46.09
C GLU C 27 29.58 -38.26 -46.01
N GLY C 28 28.84 -37.80 -47.03
CA GLY C 28 27.40 -38.00 -47.13
C GLY C 28 26.66 -37.20 -46.08
N LYS C 29 26.99 -35.89 -45.99
CA LYS C 29 26.42 -34.91 -45.04
C LYS C 29 25.79 -33.76 -45.79
N LYS C 30 24.98 -33.01 -45.07
CA LYS C 30 24.30 -31.80 -45.55
C LYS C 30 25.08 -30.57 -45.07
N VAL C 31 24.86 -29.46 -45.75
CA VAL C 31 25.48 -28.20 -45.43
C VAL C 31 24.39 -27.17 -45.57
N PHE C 32 24.24 -26.28 -44.58
CA PHE C 32 23.28 -25.17 -44.66
C PHE C 32 24.06 -23.92 -45.01
N VAL C 33 23.50 -23.14 -45.91
CA VAL C 33 24.07 -21.88 -46.35
C VAL C 33 23.03 -20.81 -45.99
N LEU C 34 23.39 -19.87 -45.09
CA LEU C 34 22.51 -18.79 -44.65
C LEU C 34 22.94 -17.51 -45.31
N PHE C 35 21.98 -16.76 -45.83
CA PHE C 35 22.24 -15.47 -46.46
C PHE C 35 21.55 -14.47 -45.59
N VAL C 36 22.35 -13.67 -44.89
CA VAL C 36 21.82 -12.70 -43.92
C VAL C 36 21.85 -11.32 -44.50
N ASP C 37 20.67 -10.70 -44.63
CA ASP C 37 20.60 -9.32 -45.09
C ASP C 37 20.09 -8.47 -43.94
N LEU C 38 20.77 -7.34 -43.69
CA LEU C 38 20.41 -6.42 -42.62
C LEU C 38 19.86 -5.17 -43.20
N ALA C 39 18.53 -5.08 -43.29
CA ALA C 39 17.85 -3.91 -43.82
C ALA C 39 18.01 -2.75 -42.82
N GLY C 40 18.07 -1.54 -43.35
CA GLY C 40 18.24 -0.33 -42.56
C GLY C 40 19.66 0.15 -42.62
N PHE C 41 20.54 -0.67 -43.19
CA PHE C 41 21.95 -0.34 -43.31
C PHE C 41 22.28 0.73 -44.39
N LYS C 42 21.61 0.71 -45.55
CA LYS C 42 21.80 1.72 -46.59
C LYS C 42 21.39 3.12 -46.05
N ALA C 43 20.35 3.17 -45.20
CA ALA C 43 19.92 4.41 -44.58
C ALA C 43 20.91 4.91 -43.50
N ILE C 44 21.59 3.99 -42.77
CA ILE C 44 22.56 4.34 -41.71
C ILE C 44 23.78 5.13 -42.22
N ASN C 45 24.41 4.68 -43.34
CA ASN C 45 25.57 5.36 -43.93
C ASN C 45 25.20 6.67 -44.61
N ASP C 46 24.01 6.71 -45.24
CA ASP C 46 23.52 7.91 -45.95
C ASP C 46 23.09 9.03 -44.98
N THR C 47 22.95 8.70 -43.68
CA THR C 47 22.53 9.65 -42.66
C THR C 47 23.67 9.97 -41.69
N TYR C 48 24.37 8.94 -41.16
CA TYR C 48 25.39 9.05 -40.12
C TYR C 48 26.83 8.88 -40.57
N GLY C 49 27.01 8.42 -41.80
CA GLY C 49 28.33 8.25 -42.37
C GLY C 49 28.91 6.88 -42.20
N HIS C 50 30.07 6.68 -42.83
CA HIS C 50 30.82 5.44 -42.85
C HIS C 50 31.29 4.95 -41.53
N LEU C 51 31.84 5.81 -40.66
CA LEU C 51 32.32 5.36 -39.34
C LEU C 51 31.16 4.72 -38.52
N SER C 52 29.99 5.38 -38.49
CA SER C 52 28.82 4.90 -37.79
C SER C 52 28.34 3.59 -38.38
N GLY C 53 28.22 3.54 -39.72
CA GLY C 53 27.85 2.34 -40.45
C GLY C 53 28.81 1.18 -40.26
N ASP C 54 30.10 1.50 -40.09
CA ASP C 54 31.19 0.55 -39.88
C ASP C 54 31.20 0.01 -38.47
N GLU C 55 30.86 0.88 -37.49
CA GLU C 55 30.79 0.50 -36.09
C GLU C 55 29.62 -0.46 -35.87
N VAL C 56 28.53 -0.26 -36.61
CA VAL C 56 27.38 -1.16 -36.62
C VAL C 56 27.80 -2.52 -37.19
N LEU C 57 28.61 -2.51 -38.31
CA LEU C 57 29.13 -3.73 -38.96
C LEU C 57 30.03 -4.52 -38.03
N LYS C 58 30.82 -3.82 -37.20
CA LYS C 58 31.70 -4.45 -36.23
C LYS C 58 30.88 -5.18 -35.11
N THR C 59 29.76 -4.57 -34.64
CA THR C 59 28.86 -5.12 -33.63
C THR C 59 28.09 -6.29 -34.22
N VAL C 60 27.55 -6.12 -35.42
CA VAL C 60 26.82 -7.16 -36.15
C VAL C 60 27.67 -8.43 -36.31
N SER C 61 28.95 -8.28 -36.71
CA SER C 61 29.95 -9.35 -36.90
C SER C 61 30.20 -10.06 -35.62
N LYS C 62 30.54 -9.32 -34.56
CA LYS C 62 30.78 -9.90 -33.24
C LYS C 62 29.56 -10.69 -32.74
N ARG C 63 28.33 -10.16 -33.00
CA ARG C 63 27.08 -10.79 -32.60
C ARG C 63 26.88 -12.09 -33.32
N ILE C 64 27.19 -12.16 -34.63
CA ILE C 64 27.05 -13.42 -35.37
C ILE C 64 28.10 -14.40 -34.88
N LEU C 65 29.38 -13.95 -34.83
CA LEU C 65 30.50 -14.75 -34.39
C LEU C 65 30.32 -15.41 -33.05
N ASP C 66 29.76 -14.68 -32.07
CA ASP C 66 29.50 -15.20 -30.72
C ASP C 66 28.39 -16.26 -30.67
N ARG C 67 27.52 -16.32 -31.68
CA ARG C 67 26.39 -17.23 -31.68
C ARG C 67 26.55 -18.52 -32.52
N VAL C 68 27.53 -18.55 -33.43
CA VAL C 68 27.80 -19.75 -34.25
C VAL C 68 28.79 -20.65 -33.52
N ALA C 69 28.85 -21.93 -33.95
CA ALA C 69 29.80 -22.91 -33.45
C ALA C 69 31.21 -22.60 -34.03
N ARG C 70 32.27 -23.13 -33.39
CA ARG C 70 33.67 -22.93 -33.81
C ARG C 70 33.91 -23.38 -35.27
N SER C 71 33.27 -24.48 -35.70
CA SER C 71 33.38 -25.06 -37.05
C SER C 71 32.46 -24.40 -38.12
N ASP C 72 31.68 -23.39 -37.73
CA ASP C 72 30.80 -22.67 -38.64
C ASP C 72 31.54 -21.52 -39.29
N VAL C 73 31.32 -21.34 -40.60
CA VAL C 73 32.00 -20.31 -41.37
C VAL C 73 31.12 -19.10 -41.52
N VAL C 74 31.60 -17.98 -41.00
CA VAL C 74 30.93 -16.68 -41.06
C VAL C 74 31.80 -15.78 -41.93
N ALA C 75 31.19 -15.03 -42.85
CA ALA C 75 31.90 -14.06 -43.67
C ALA C 75 30.98 -12.92 -44.06
N ARG C 76 31.54 -11.79 -44.46
CA ARG C 76 30.72 -10.68 -44.92
C ARG C 76 30.68 -10.78 -46.45
N TYR C 77 29.47 -10.77 -47.03
CA TYR C 77 29.38 -10.83 -48.49
C TYR C 77 29.66 -9.48 -49.09
N GLY C 78 28.76 -8.52 -48.91
CA GLY C 78 28.95 -7.23 -49.58
C GLY C 78 28.45 -5.98 -48.91
N GLY C 79 27.18 -5.68 -49.08
CA GLY C 79 26.59 -4.46 -48.52
C GLY C 79 26.08 -4.76 -47.13
N ASP C 80 24.75 -4.83 -47.02
CA ASP C 80 24.02 -5.23 -45.82
C ASP C 80 24.14 -6.80 -45.61
N GLU C 81 25.09 -7.49 -46.35
CA GLU C 81 25.13 -8.95 -46.41
C GLU C 81 26.22 -9.75 -45.76
N PHE C 82 25.81 -10.84 -45.09
CA PHE C 82 26.69 -11.79 -44.40
C PHE C 82 26.26 -13.19 -44.76
N THR C 83 27.21 -14.10 -44.78
CA THR C 83 26.96 -15.49 -45.14
C THR C 83 27.43 -16.38 -44.01
N ILE C 84 26.68 -17.43 -43.74
CA ILE C 84 27.03 -18.39 -42.69
C ILE C 84 26.92 -19.77 -43.30
N LEU C 85 27.93 -20.60 -43.05
CA LEU C 85 27.96 -21.98 -43.52
C LEU C 85 27.99 -22.95 -42.34
N LEU C 86 27.03 -23.89 -42.30
CA LEU C 86 26.85 -24.90 -41.26
C LEU C 86 27.11 -26.28 -41.87
N TYR C 87 28.18 -26.93 -41.45
CA TYR C 87 28.50 -28.27 -41.95
C TYR C 87 27.84 -29.30 -41.04
N ASP C 88 27.13 -30.29 -41.62
CA ASP C 88 26.51 -31.38 -40.88
C ASP C 88 25.89 -30.96 -39.53
N MET C 89 24.84 -30.13 -39.57
CA MET C 89 24.15 -29.70 -38.34
C MET C 89 22.69 -30.15 -38.42
N LYS C 90 22.07 -30.46 -37.28
CA LYS C 90 20.66 -30.87 -37.27
C LYS C 90 19.75 -29.67 -37.60
N GLU C 91 18.54 -29.91 -38.14
CA GLU C 91 17.58 -28.84 -38.48
C GLU C 91 17.16 -28.03 -37.21
N GLU C 92 17.15 -28.70 -36.06
CA GLU C 92 16.90 -28.16 -34.74
C GLU C 92 17.96 -27.06 -34.41
N TYR C 93 19.25 -27.38 -34.67
CA TYR C 93 20.37 -26.48 -34.48
C TYR C 93 20.20 -25.22 -35.33
N LEU C 94 19.77 -25.39 -36.57
CA LEU C 94 19.49 -24.30 -37.50
C LEU C 94 18.34 -23.39 -37.02
N LYS C 95 17.17 -23.97 -36.66
CA LYS C 95 16.00 -23.22 -36.17
C LYS C 95 16.40 -22.36 -34.95
N SER C 96 17.15 -22.97 -34.00
CA SER C 96 17.69 -22.28 -32.83
C SER C 96 18.70 -21.21 -33.23
N LEU C 97 19.68 -21.52 -34.08
CA LEU C 97 20.64 -20.52 -34.51
C LEU C 97 19.93 -19.30 -35.13
N LEU C 98 18.96 -19.51 -36.05
CA LEU C 98 18.18 -18.42 -36.68
C LEU C 98 17.48 -17.52 -35.65
N GLU C 99 16.84 -18.14 -34.64
CA GLU C 99 16.15 -17.46 -33.54
C GLU C 99 17.08 -16.61 -32.73
N ARG C 100 18.26 -17.15 -32.36
CA ARG C 100 19.28 -16.43 -31.59
C ARG C 100 19.92 -15.29 -32.38
N ILE C 101 20.11 -15.47 -33.69
CA ILE C 101 20.61 -14.39 -34.54
C ILE C 101 19.54 -13.29 -34.65
N LEU C 102 18.28 -13.64 -35.01
CA LEU C 102 17.18 -12.66 -35.10
C LEU C 102 16.98 -11.87 -33.81
N SER C 103 17.03 -12.55 -32.66
CA SER C 103 16.92 -11.97 -31.32
C SER C 103 17.97 -10.85 -31.10
N THR C 104 19.26 -11.05 -31.49
CA THR C 104 20.29 -9.98 -31.35
C THR C 104 19.99 -8.70 -32.06
N PHE C 105 19.36 -8.77 -33.24
CA PHE C 105 19.06 -7.57 -34.03
C PHE C 105 17.77 -6.86 -33.70
N ARG C 106 17.07 -7.35 -32.67
CA ARG C 106 15.85 -6.70 -32.16
C ARG C 106 16.36 -5.54 -31.32
N GLU C 107 17.61 -5.70 -30.80
CA GLU C 107 18.34 -4.73 -29.97
C GLU C 107 18.99 -3.65 -30.87
N PRO C 108 18.43 -2.39 -30.91
CA PRO C 108 19.05 -1.33 -31.74
C PRO C 108 20.49 -1.13 -31.32
N VAL C 109 21.41 -1.04 -32.30
CA VAL C 109 22.85 -0.95 -32.05
C VAL C 109 23.24 0.41 -31.49
N ARG C 110 24.03 0.39 -30.43
CA ARG C 110 24.50 1.61 -29.81
C ARG C 110 25.87 2.00 -30.37
N VAL C 111 25.89 3.05 -31.19
CA VAL C 111 27.12 3.59 -31.76
C VAL C 111 27.18 5.05 -31.36
N GLU C 112 28.13 5.40 -30.49
CA GLU C 112 28.27 6.75 -29.93
C GLU C 112 27.06 7.04 -28.99
N ASN C 113 26.38 8.17 -29.25
CA ASN C 113 25.19 8.66 -28.55
C ASN C 113 23.94 8.32 -29.39
N LYS C 114 24.12 7.44 -30.40
CA LYS C 114 23.07 7.01 -31.32
C LYS C 114 22.64 5.57 -31.00
N HIS C 115 21.38 5.25 -31.34
CA HIS C 115 20.70 3.96 -31.14
C HIS C 115 20.16 3.66 -32.51
N LEU C 116 20.97 2.88 -33.27
CA LEU C 116 20.73 2.58 -34.67
C LEU C 116 20.06 1.24 -34.88
N SER C 117 19.02 1.23 -35.73
CA SER C 117 18.30 0.01 -35.96
C SER C 117 18.51 -0.63 -37.33
N VAL C 118 18.74 -1.94 -37.28
CA VAL C 118 18.87 -2.85 -38.42
C VAL C 118 17.86 -3.99 -38.25
N THR C 119 17.24 -4.40 -39.35
CA THR C 119 16.27 -5.50 -39.35
C THR C 119 16.87 -6.68 -40.09
N PRO C 120 16.90 -7.87 -39.47
CA PRO C 120 17.46 -9.03 -40.18
C PRO C 120 16.48 -9.80 -41.06
N ASN C 121 16.97 -10.20 -42.24
CA ASN C 121 16.31 -11.04 -43.24
C ASN C 121 17.27 -12.16 -43.65
N ILE C 122 16.89 -13.42 -43.32
CA ILE C 122 17.73 -14.59 -43.58
C ILE C 122 17.07 -15.58 -44.54
N GLY C 123 17.83 -16.03 -45.52
CA GLY C 123 17.44 -17.06 -46.47
C GLY C 123 18.33 -18.27 -46.25
N VAL C 124 17.75 -19.47 -46.34
CA VAL C 124 18.48 -20.73 -46.15
C VAL C 124 18.41 -21.59 -47.40
N ALA C 125 19.54 -22.26 -47.70
CA ALA C 125 19.70 -23.26 -48.76
C ALA C 125 20.39 -24.45 -48.11
N ARG C 126 20.09 -25.66 -48.63
CA ARG C 126 20.67 -26.91 -48.16
C ARG C 126 21.40 -27.65 -49.28
N PHE C 127 22.61 -28.05 -48.98
CA PHE C 127 23.38 -28.87 -49.87
C PHE C 127 23.12 -30.33 -49.45
N PRO C 128 22.87 -31.30 -50.37
CA PRO C 128 22.85 -31.20 -51.85
C PRO C 128 21.57 -30.67 -52.53
N GLU C 129 20.38 -30.83 -51.90
CA GLU C 129 19.06 -30.45 -52.44
C GLU C 129 19.00 -29.18 -53.29
N ASP C 130 19.57 -28.07 -52.79
CA ASP C 130 19.49 -26.79 -53.46
C ASP C 130 20.59 -26.45 -54.48
N GLY C 131 21.63 -27.29 -54.56
CA GLY C 131 22.73 -27.05 -55.47
C GLY C 131 23.99 -27.82 -55.14
N GLU C 132 24.92 -27.90 -56.11
CA GLU C 132 26.18 -28.62 -55.95
C GLU C 132 27.42 -27.75 -55.71
N ASN C 133 27.29 -26.43 -55.85
CA ASN C 133 28.37 -25.49 -55.55
C ASN C 133 27.85 -24.28 -54.74
N LEU C 134 28.79 -23.51 -54.16
CA LEU C 134 28.51 -22.38 -53.29
C LEU C 134 27.77 -21.24 -53.96
N GLU C 135 28.09 -20.99 -55.24
CA GLU C 135 27.46 -19.95 -56.07
C GLU C 135 25.94 -20.22 -56.25
N GLU C 136 25.56 -21.50 -56.53
CA GLU C 136 24.18 -21.98 -56.70
C GLU C 136 23.40 -21.85 -55.38
N LEU C 137 23.95 -22.39 -54.28
CA LEU C 137 23.37 -22.33 -52.93
C LEU C 137 23.14 -20.94 -52.43
N LEU C 138 24.06 -20.00 -52.72
CA LEU C 138 23.95 -18.61 -52.31
C LEU C 138 22.87 -17.89 -53.04
N LYS C 139 22.64 -18.27 -54.31
CA LYS C 139 21.58 -17.68 -55.12
C LYS C 139 20.20 -18.15 -54.64
N VAL C 140 20.08 -19.44 -54.28
CA VAL C 140 18.84 -20.00 -53.72
C VAL C 140 18.55 -19.30 -52.36
N ALA C 141 19.56 -19.21 -51.47
CA ALA C 141 19.49 -18.56 -50.17
C ALA C 141 19.14 -17.06 -50.34
N ASP C 142 19.76 -16.37 -51.33
CA ASP C 142 19.52 -14.95 -51.65
C ASP C 142 18.07 -14.72 -52.15
N MET C 143 17.53 -15.65 -52.95
CA MET C 143 16.17 -15.66 -53.48
C MET C 143 15.19 -15.82 -52.31
N ARG C 144 15.51 -16.74 -51.38
CA ARG C 144 14.71 -17.02 -50.20
C ARG C 144 14.75 -15.92 -49.15
N MET C 145 15.87 -15.18 -49.02
CA MET C 145 15.91 -14.04 -48.12
C MET C 145 15.11 -12.91 -48.73
N TYR C 146 15.15 -12.78 -50.08
CA TYR C 146 14.37 -11.76 -50.79
C TYR C 146 12.88 -12.06 -50.69
N LYS C 147 12.48 -13.37 -50.68
CA LYS C 147 11.09 -13.78 -50.49
C LYS C 147 10.70 -13.36 -49.08
N ALA C 148 11.56 -13.64 -48.06
CA ALA C 148 11.33 -13.26 -46.67
C ALA C 148 11.23 -11.74 -46.50
N LYS C 149 12.12 -10.99 -47.19
CA LYS C 149 12.18 -9.52 -47.16
C LYS C 149 10.86 -8.89 -47.64
N GLU C 150 10.39 -9.31 -48.83
CA GLU C 150 9.15 -8.81 -49.42
C GLU C 150 7.89 -9.27 -48.63
N MET C 151 7.94 -10.49 -48.01
CA MET C 151 6.84 -11.07 -47.23
CA MET C 151 6.79 -10.99 -47.26
C MET C 151 6.76 -10.47 -45.82
N LYS C 152 7.73 -9.60 -45.45
CA LYS C 152 7.86 -8.96 -44.13
C LYS C 152 8.00 -9.95 -42.94
N VAL C 153 8.50 -11.18 -43.24
CA VAL C 153 8.79 -12.28 -42.28
C VAL C 153 10.33 -12.30 -41.98
N PRO C 154 10.81 -12.89 -40.86
CA PRO C 154 12.26 -12.84 -40.59
C PRO C 154 13.13 -13.80 -41.41
N TYR C 155 12.65 -15.03 -41.60
CA TYR C 155 13.40 -16.06 -42.31
C TYR C 155 12.54 -16.97 -43.21
N PHE C 156 13.20 -17.52 -44.25
CA PHE C 156 12.62 -18.48 -45.19
C PHE C 156 13.62 -19.62 -45.51
N SER C 157 13.21 -20.86 -45.18
CA SER C 157 13.99 -22.09 -45.38
C SER C 157 13.21 -23.07 -46.28
N LEU D 4 -13.28 -2.82 5.38
CA LEU D 4 -12.41 -3.43 4.37
C LEU D 4 -13.17 -4.50 3.54
N THR D 5 -13.53 -4.12 2.29
CA THR D 5 -14.22 -4.99 1.32
C THR D 5 -13.30 -6.11 0.82
N GLY D 6 -12.00 -5.81 0.74
CA GLY D 6 -10.99 -6.70 0.22
C GLY D 6 -10.85 -6.56 -1.28
N LEU D 7 -11.93 -6.03 -1.93
CA LEU D 7 -12.08 -5.82 -3.37
C LEU D 7 -11.03 -4.90 -3.95
N PRO D 8 -10.45 -5.29 -5.12
CA PRO D 8 -9.47 -4.41 -5.78
C PRO D 8 -10.08 -3.10 -6.31
N ASN D 9 -9.19 -2.16 -6.69
CA ASN D 9 -9.54 -0.81 -7.17
C ASN D 9 -9.44 -0.68 -8.69
N ARG D 10 -9.76 0.55 -9.19
CA ARG D 10 -9.72 0.94 -10.59
C ARG D 10 -8.39 0.51 -11.26
N ARG D 11 -7.24 0.88 -10.69
CA ARG D 11 -5.93 0.58 -11.28
C ARG D 11 -5.55 -0.90 -11.43
N TYR D 12 -6.04 -1.76 -10.52
CA TYR D 12 -5.86 -3.22 -10.59
C TYR D 12 -6.77 -3.73 -11.71
N PHE D 13 -8.07 -3.33 -11.69
CA PHE D 13 -9.08 -3.68 -12.69
C PHE D 13 -8.58 -3.43 -14.10
N PHE D 14 -7.96 -2.27 -14.33
CA PHE D 14 -7.41 -1.87 -15.61
C PHE D 14 -6.29 -2.76 -16.09
N GLU D 15 -5.32 -3.10 -15.21
CA GLU D 15 -4.23 -4.00 -15.58
C GLU D 15 -4.71 -5.40 -15.92
N LEU D 16 -5.47 -6.06 -15.02
CA LEU D 16 -6.08 -7.37 -15.28
C LEU D 16 -7.00 -7.30 -16.50
N GLY D 17 -7.87 -6.28 -16.54
CA GLY D 17 -8.82 -6.04 -17.62
C GLY D 17 -8.23 -6.12 -19.01
N ASN D 18 -7.19 -5.30 -19.28
CA ASN D 18 -6.51 -5.28 -20.57
C ASN D 18 -5.82 -6.55 -20.92
N ARG D 19 -5.23 -7.24 -19.92
CA ARG D 19 -4.60 -8.55 -20.13
C ARG D 19 -5.66 -9.55 -20.62
N TYR D 20 -6.85 -9.52 -19.99
CA TYR D 20 -8.01 -10.36 -20.34
C TYR D 20 -8.43 -10.09 -21.77
N LEU D 21 -8.48 -8.80 -22.17
CA LEU D 21 -8.76 -8.39 -23.55
C LEU D 21 -7.68 -8.87 -24.53
N ASP D 22 -6.35 -8.73 -24.16
CA ASP D 22 -5.21 -9.23 -24.97
C ASP D 22 -5.37 -10.71 -25.21
N LEU D 23 -5.71 -11.46 -24.15
CA LEU D 23 -5.94 -12.90 -24.21
C LEU D 23 -7.12 -13.27 -25.09
N ALA D 24 -8.25 -12.52 -24.98
CA ALA D 24 -9.45 -12.73 -25.79
C ALA D 24 -9.19 -12.50 -27.29
N LYS D 25 -8.41 -11.43 -27.61
CA LYS D 25 -7.96 -11.07 -28.97
C LYS D 25 -7.27 -12.27 -29.61
N ARG D 26 -6.30 -12.86 -28.88
CA ARG D 26 -5.53 -14.01 -29.36
C ARG D 26 -6.34 -15.30 -29.49
N GLU D 27 -7.22 -15.58 -28.52
CA GLU D 27 -8.00 -16.84 -28.48
C GLU D 27 -9.30 -16.82 -29.26
N GLY D 28 -9.69 -15.63 -29.72
CA GLY D 28 -10.89 -15.40 -30.50
C GLY D 28 -12.13 -15.61 -29.65
N LYS D 29 -12.17 -14.94 -28.47
CA LYS D 29 -13.24 -15.01 -27.47
C LYS D 29 -13.79 -13.62 -27.19
N LYS D 30 -14.97 -13.60 -26.58
CA LYS D 30 -15.67 -12.38 -26.18
C LYS D 30 -15.44 -12.15 -24.69
N VAL D 31 -15.64 -10.91 -24.27
CA VAL D 31 -15.48 -10.51 -22.89
C VAL D 31 -16.65 -9.59 -22.60
N PHE D 32 -17.35 -9.80 -21.47
CA PHE D 32 -18.44 -8.92 -21.05
C PHE D 32 -17.89 -8.03 -19.97
N VAL D 33 -18.24 -6.76 -20.04
CA VAL D 33 -17.84 -5.76 -19.07
C VAL D 33 -19.15 -5.22 -18.49
N LEU D 34 -19.37 -5.41 -17.18
CA LEU D 34 -20.57 -4.95 -16.47
C LEU D 34 -20.23 -3.74 -15.66
N PHE D 35 -21.08 -2.73 -15.72
CA PHE D 35 -20.91 -1.51 -14.94
C PHE D 35 -22.07 -1.47 -14.01
N VAL D 36 -21.81 -1.65 -12.73
CA VAL D 36 -22.86 -1.74 -11.73
C VAL D 36 -22.93 -0.47 -10.94
N ASP D 37 -24.08 0.21 -10.99
CA ASP D 37 -24.28 1.41 -10.18
C ASP D 37 -25.35 1.10 -9.14
N LEU D 38 -25.09 1.52 -7.90
CA LEU D 38 -26.02 1.30 -6.79
C LEU D 38 -26.59 2.61 -6.34
N ALA D 39 -27.77 2.94 -6.87
CA ALA D 39 -28.46 4.16 -6.52
C ALA D 39 -28.96 4.04 -5.07
N GLY D 40 -28.99 5.15 -4.37
CA GLY D 40 -29.40 5.22 -2.97
C GLY D 40 -28.20 5.30 -2.05
N PHE D 41 -27.01 5.08 -2.60
CA PHE D 41 -25.77 5.12 -1.82
C PHE D 41 -25.31 6.55 -1.43
N LYS D 42 -25.46 7.53 -2.35
CA LYS D 42 -25.10 8.93 -2.04
C LYS D 42 -25.99 9.47 -0.90
N ALA D 43 -27.26 9.04 -0.85
CA ALA D 43 -28.18 9.41 0.23
C ALA D 43 -27.82 8.69 1.55
N ILE D 44 -27.30 7.44 1.48
CA ILE D 44 -26.93 6.64 2.67
C ILE D 44 -25.84 7.31 3.52
N ASN D 45 -24.70 7.69 2.88
CA ASN D 45 -23.57 8.34 3.56
C ASN D 45 -23.89 9.74 4.05
N ASP D 46 -24.75 10.47 3.34
CA ASP D 46 -25.17 11.83 3.70
C ASP D 46 -26.16 11.85 4.86
N THR D 47 -26.73 10.68 5.21
CA THR D 47 -27.71 10.54 6.29
C THR D 47 -27.14 9.78 7.48
N TYR D 48 -26.47 8.63 7.24
CA TYR D 48 -25.97 7.70 8.26
C TYR D 48 -24.47 7.69 8.49
N GLY D 49 -23.75 8.34 7.60
CA GLY D 49 -22.31 8.45 7.70
C GLY D 49 -21.54 7.38 6.97
N HIS D 50 -20.22 7.55 6.96
CA HIS D 50 -19.26 6.70 6.31
C HIS D 50 -19.22 5.29 6.79
N LEU D 51 -19.25 5.04 8.11
CA LEU D 51 -19.21 3.65 8.63
C LEU D 51 -20.42 2.84 8.07
N SER D 52 -21.63 3.41 8.14
CA SER D 52 -22.84 2.78 7.64
C SER D 52 -22.76 2.54 6.13
N GLY D 53 -22.33 3.57 5.39
CA GLY D 53 -22.13 3.48 3.94
C GLY D 53 -21.07 2.47 3.55
N ASP D 54 -20.05 2.30 4.39
CA ASP D 54 -18.93 1.37 4.22
C ASP D 54 -19.34 -0.05 4.51
N GLU D 55 -20.21 -0.23 5.52
CA GLU D 55 -20.72 -1.54 5.91
C GLU D 55 -21.63 -2.08 4.81
N VAL D 56 -22.37 -1.21 4.16
CA VAL D 56 -23.21 -1.53 3.00
C VAL D 56 -22.29 -1.96 1.84
N LEU D 57 -21.16 -1.22 1.60
CA LEU D 57 -20.16 -1.54 0.56
C LEU D 57 -19.53 -2.90 0.78
N LYS D 58 -19.27 -3.26 2.04
CA LYS D 58 -18.70 -4.56 2.41
C LYS D 58 -19.70 -5.73 2.06
N THR D 59 -21.02 -5.53 2.33
CA THR D 59 -22.09 -6.48 2.06
C THR D 59 -22.30 -6.60 0.54
N VAL D 60 -22.35 -5.46 -0.15
CA VAL D 60 -22.52 -5.39 -1.60
C VAL D 60 -21.41 -6.18 -2.31
N SER D 61 -20.13 -5.99 -1.88
CA SER D 61 -18.94 -6.66 -2.40
C SER D 61 -19.03 -8.14 -2.20
N LYS D 62 -19.28 -8.57 -0.96
CA LYS D 62 -19.41 -10.00 -0.65
C LYS D 62 -20.55 -10.65 -1.49
N ARG D 63 -21.66 -9.92 -1.71
CA ARG D 63 -22.80 -10.38 -2.49
C ARG D 63 -22.42 -10.57 -3.92
N ILE D 64 -21.63 -9.65 -4.51
CA ILE D 64 -21.19 -9.80 -5.91
C ILE D 64 -20.20 -10.95 -5.99
N LEU D 65 -19.19 -10.94 -5.12
CA LEU D 65 -18.15 -11.96 -5.06
C LEU D 65 -18.67 -13.37 -4.96
N ASP D 66 -19.71 -13.60 -4.14
CA ASP D 66 -20.34 -14.93 -3.96
C ASP D 66 -21.12 -15.41 -5.19
N ARG D 67 -21.51 -14.49 -6.08
CA ARG D 67 -22.31 -14.85 -7.24
C ARG D 67 -21.55 -15.00 -8.57
N VAL D 68 -20.34 -14.47 -8.66
CA VAL D 68 -19.51 -14.59 -9.88
C VAL D 68 -18.68 -15.87 -9.82
N ALA D 69 -18.18 -16.31 -10.98
CA ALA D 69 -17.28 -17.45 -11.11
C ALA D 69 -15.87 -17.05 -10.59
N ARG D 70 -15.05 -18.05 -10.24
CA ARG D 70 -13.67 -17.87 -9.75
C ARG D 70 -12.79 -17.03 -10.72
N SER D 71 -12.96 -17.23 -12.03
CA SER D 71 -12.23 -16.53 -13.10
C SER D 71 -12.80 -15.16 -13.50
N ASP D 72 -13.89 -14.71 -12.85
CA ASP D 72 -14.51 -13.41 -13.11
C ASP D 72 -13.85 -12.34 -12.27
N VAL D 73 -13.60 -11.18 -12.87
CA VAL D 73 -12.93 -10.07 -12.21
C VAL D 73 -13.94 -9.08 -11.70
N VAL D 74 -13.96 -8.90 -10.38
CA VAL D 74 -14.83 -7.95 -9.69
C VAL D 74 -13.92 -6.89 -9.09
N ALA D 75 -14.31 -5.62 -9.21
CA ALA D 75 -13.58 -4.51 -8.60
C ALA D 75 -14.51 -3.37 -8.29
N ARG D 76 -14.11 -2.50 -7.39
CA ARG D 76 -14.88 -1.31 -7.05
C ARG D 76 -14.33 -0.17 -7.93
N TYR D 77 -15.20 0.49 -8.72
CA TYR D 77 -14.73 1.59 -9.56
C TYR D 77 -14.57 2.82 -8.69
N GLY D 78 -15.68 3.31 -8.13
CA GLY D 78 -15.66 4.48 -7.25
C GLY D 78 -17.05 4.96 -6.94
N GLY D 79 -17.29 5.25 -5.67
CA GLY D 79 -18.62 5.68 -5.21
C GLY D 79 -19.62 4.55 -5.37
N ASP D 80 -20.82 4.87 -5.88
CA ASP D 80 -21.88 3.87 -6.15
C ASP D 80 -21.47 2.77 -7.19
N GLU D 81 -20.20 2.74 -7.69
CA GLU D 81 -19.83 1.87 -8.80
C GLU D 81 -18.88 0.71 -8.63
N PHE D 82 -19.23 -0.41 -9.29
CA PHE D 82 -18.50 -1.68 -9.32
C PHE D 82 -18.44 -2.14 -10.74
N THR D 83 -17.37 -2.85 -11.07
CA THR D 83 -17.14 -3.35 -12.41
C THR D 83 -16.95 -4.86 -12.34
N ILE D 84 -17.49 -5.58 -13.31
CA ILE D 84 -17.34 -7.02 -13.38
C ILE D 84 -16.90 -7.36 -14.79
N LEU D 85 -15.90 -8.23 -14.91
CA LEU D 85 -15.38 -8.70 -16.18
C LEU D 85 -15.57 -10.22 -16.31
N LEU D 86 -16.22 -10.64 -17.40
CA LEU D 86 -16.54 -12.03 -17.72
C LEU D 86 -15.77 -12.41 -18.97
N TYR D 87 -14.82 -13.33 -18.84
CA TYR D 87 -14.05 -13.79 -19.98
C TYR D 87 -14.75 -15.01 -20.58
N ASP D 88 -14.93 -15.02 -21.92
CA ASP D 88 -15.53 -16.15 -22.64
C ASP D 88 -16.69 -16.84 -21.89
N MET D 89 -17.80 -16.13 -21.70
CA MET D 89 -18.98 -16.72 -21.04
C MET D 89 -20.15 -16.66 -22.00
N LYS D 90 -21.07 -17.62 -21.92
CA LYS D 90 -22.25 -17.64 -22.79
C LYS D 90 -23.22 -16.51 -22.39
N GLU D 91 -24.04 -16.02 -23.34
CA GLU D 91 -25.03 -14.94 -23.08
C GLU D 91 -26.07 -15.37 -21.98
N GLU D 92 -26.36 -16.68 -21.94
CA GLU D 92 -27.21 -17.35 -20.96
C GLU D 92 -26.62 -17.14 -19.54
N TYR D 93 -25.29 -17.36 -19.39
CA TYR D 93 -24.56 -17.16 -18.14
C TYR D 93 -24.69 -15.71 -17.66
N LEU D 94 -24.57 -14.77 -18.59
CA LEU D 94 -24.71 -13.34 -18.32
C LEU D 94 -26.13 -12.97 -17.86
N LYS D 95 -27.18 -13.40 -18.58
CA LYS D 95 -28.59 -13.13 -18.24
C LYS D 95 -28.89 -13.65 -16.82
N SER D 96 -28.42 -14.87 -16.52
CA SER D 96 -28.54 -15.48 -15.19
C SER D 96 -27.74 -14.69 -14.14
N LEU D 97 -26.46 -14.39 -14.42
CA LEU D 97 -25.68 -13.61 -13.46
C LEU D 97 -26.36 -12.28 -13.14
N LEU D 98 -26.85 -11.52 -14.15
CA LEU D 98 -27.55 -10.22 -13.95
C LEU D 98 -28.77 -10.37 -13.04
N GLU D 99 -29.58 -11.44 -13.26
CA GLU D 99 -30.78 -11.76 -12.47
C GLU D 99 -30.43 -12.05 -11.03
N ARG D 100 -29.39 -12.86 -10.78
CA ARG D 100 -28.93 -13.20 -9.43
C ARG D 100 -28.32 -11.99 -8.71
N ILE D 101 -27.61 -11.11 -9.43
CA ILE D 101 -27.09 -9.90 -8.81
C ILE D 101 -28.25 -8.95 -8.46
N LEU D 102 -29.17 -8.66 -9.41
CA LEU D 102 -30.35 -7.81 -9.15
C LEU D 102 -31.20 -8.31 -7.98
N SER D 103 -31.43 -9.64 -7.91
CA SER D 103 -32.17 -10.30 -6.85
C SER D 103 -31.56 -9.98 -5.46
N THR D 104 -30.22 -9.97 -5.34
CA THR D 104 -29.53 -9.63 -4.08
C THR D 104 -29.80 -8.25 -3.53
N PHE D 105 -30.09 -7.27 -4.40
CA PHE D 105 -30.32 -5.90 -3.94
C PHE D 105 -31.75 -5.54 -3.72
N ARG D 106 -32.64 -6.52 -3.89
CA ARG D 106 -34.07 -6.35 -3.63
C ARG D 106 -34.21 -6.38 -2.11
N GLU D 107 -33.31 -7.12 -1.41
CA GLU D 107 -33.27 -7.19 0.06
C GLU D 107 -32.46 -6.02 0.65
N PRO D 108 -33.19 -5.10 1.34
CA PRO D 108 -32.53 -3.93 1.97
C PRO D 108 -31.44 -4.41 2.90
N VAL D 109 -30.25 -3.77 2.83
CA VAL D 109 -29.09 -4.18 3.62
C VAL D 109 -29.24 -3.82 5.07
N ARG D 110 -28.92 -4.78 5.94
CA ARG D 110 -28.99 -4.57 7.38
C ARG D 110 -27.64 -4.15 7.95
N VAL D 111 -27.51 -2.87 8.34
CA VAL D 111 -26.32 -2.35 9.02
C VAL D 111 -26.78 -1.84 10.37
N GLU D 112 -26.31 -2.48 11.45
CA GLU D 112 -26.71 -2.15 12.83
C GLU D 112 -28.23 -2.48 13.01
N ASN D 113 -29.00 -1.47 13.44
CA ASN D 113 -30.45 -1.51 13.66
C ASN D 113 -31.17 -0.84 12.46
N LYS D 114 -30.43 -0.60 11.37
CA LYS D 114 -30.94 0.04 10.15
C LYS D 114 -31.14 -1.00 9.04
N HIS D 115 -32.08 -0.70 8.13
CA HIS D 115 -32.46 -1.51 6.98
C HIS D 115 -32.35 -0.54 5.83
N LEU D 116 -31.15 -0.55 5.21
CA LEU D 116 -30.77 0.40 4.17
C LEU D 116 -30.99 -0.12 2.77
N SER D 117 -31.60 0.72 1.93
CA SER D 117 -31.89 0.29 0.58
C SER D 117 -31.04 0.92 -0.50
N VAL D 118 -30.53 0.04 -1.39
CA VAL D 118 -29.80 0.36 -2.60
C VAL D 118 -30.51 -0.26 -3.79
N THR D 119 -30.58 0.47 -4.90
CA THR D 119 -31.21 0.00 -6.13
C THR D 119 -30.12 -0.23 -7.18
N PRO D 120 -30.05 -1.43 -7.80
CA PRO D 120 -29.01 -1.66 -8.80
C PRO D 120 -29.38 -1.28 -10.25
N ASN D 121 -28.39 -0.70 -10.94
CA ASN D 121 -28.41 -0.34 -12.35
C ASN D 121 -27.15 -0.91 -12.98
N ILE D 122 -27.34 -1.81 -13.96
CA ILE D 122 -26.23 -2.46 -14.65
C ILE D 122 -26.23 -2.19 -16.15
N GLY D 123 -25.08 -1.80 -16.67
CA GLY D 123 -24.84 -1.63 -18.10
C GLY D 123 -23.85 -2.67 -18.56
N VAL D 124 -24.06 -3.23 -19.76
CA VAL D 124 -23.19 -4.25 -20.33
C VAL D 124 -22.59 -3.78 -21.64
N ALA D 125 -21.30 -4.14 -21.86
CA ALA D 125 -20.54 -3.95 -23.09
C ALA D 125 -19.90 -5.28 -23.41
N ARG D 126 -19.70 -5.54 -24.70
CA ARG D 126 -19.08 -6.78 -25.21
C ARG D 126 -17.84 -6.47 -26.04
N PHE D 127 -16.76 -7.16 -25.71
CA PHE D 127 -15.54 -7.08 -26.48
C PHE D 127 -15.60 -8.25 -27.49
N PRO D 128 -15.28 -8.07 -28.78
CA PRO D 128 -14.77 -6.85 -29.45
C PRO D 128 -15.78 -5.78 -29.91
N GLU D 129 -17.06 -6.16 -30.20
CA GLU D 129 -18.13 -5.28 -30.72
C GLU D 129 -18.15 -3.83 -30.18
N ASP D 130 -18.07 -3.66 -28.87
CA ASP D 130 -18.19 -2.35 -28.25
C ASP D 130 -16.89 -1.56 -28.06
N GLY D 131 -15.74 -2.17 -28.36
CA GLY D 131 -14.46 -1.50 -28.18
C GLY D 131 -13.29 -2.44 -28.06
N GLU D 132 -12.07 -1.91 -28.25
CA GLU D 132 -10.82 -2.70 -28.21
C GLU D 132 -9.98 -2.59 -26.93
N ASN D 133 -10.35 -1.66 -26.03
CA ASN D 133 -9.70 -1.51 -24.73
C ASN D 133 -10.74 -1.34 -23.61
N LEU D 134 -10.29 -1.49 -22.35
CA LEU D 134 -11.12 -1.44 -21.17
C LEU D 134 -11.79 -0.10 -20.92
N GLU D 135 -11.09 1.00 -21.24
CA GLU D 135 -11.56 2.38 -21.12
C GLU D 135 -12.80 2.63 -22.03
N GLU D 136 -12.74 2.14 -23.29
CA GLU D 136 -13.82 2.22 -24.30
C GLU D 136 -15.05 1.43 -23.85
N LEU D 137 -14.85 0.14 -23.49
CA LEU D 137 -15.89 -0.78 -23.02
C LEU D 137 -16.60 -0.29 -21.78
N LEU D 138 -15.86 0.33 -20.84
CA LEU D 138 -16.42 0.87 -19.60
C LEU D 138 -17.28 2.06 -19.86
N LYS D 139 -16.93 2.86 -20.87
CA LYS D 139 -17.71 4.05 -21.26
C LYS D 139 -19.03 3.61 -21.93
N VAL D 140 -18.99 2.57 -22.77
CA VAL D 140 -20.19 2.01 -23.41
C VAL D 140 -21.11 1.44 -22.33
N ALA D 141 -20.56 0.61 -21.40
CA ALA D 141 -21.26 0.02 -20.28
C ALA D 141 -21.84 1.09 -19.36
N ASP D 142 -21.07 2.17 -19.07
CA ASP D 142 -21.48 3.33 -18.25
C ASP D 142 -22.65 4.11 -18.89
N MET D 143 -22.62 4.26 -20.24
CA MET D 143 -23.64 4.92 -21.06
C MET D 143 -24.94 4.08 -21.00
N ARG D 144 -24.79 2.74 -21.10
CA ARG D 144 -25.88 1.79 -21.05
C ARG D 144 -26.50 1.63 -19.66
N MET D 145 -25.69 1.77 -18.58
CA MET D 145 -26.25 1.75 -17.22
C MET D 145 -27.00 3.04 -17.00
N TYR D 146 -26.49 4.16 -17.54
CA TYR D 146 -27.15 5.45 -17.43
C TYR D 146 -28.47 5.46 -18.22
N LYS D 147 -28.53 4.74 -19.37
CA LYS D 147 -29.77 4.58 -20.14
C LYS D 147 -30.75 3.80 -19.27
N ALA D 148 -30.29 2.69 -18.66
CA ALA D 148 -31.08 1.86 -17.75
C ALA D 148 -31.58 2.67 -16.56
N LYS D 149 -30.69 3.48 -15.94
CA LYS D 149 -30.97 4.34 -14.78
C LYS D 149 -32.12 5.31 -15.05
N GLU D 150 -32.02 6.08 -16.15
CA GLU D 150 -33.03 7.05 -16.55
C GLU D 150 -34.34 6.40 -17.02
N MET D 151 -34.26 5.18 -17.61
CA MET D 151 -35.43 4.42 -18.08
C MET D 151 -36.15 3.69 -16.96
N LYS D 152 -35.60 3.73 -15.73
CA LYS D 152 -36.12 3.06 -14.52
C LYS D 152 -36.22 1.52 -14.66
N VAL D 153 -35.40 0.92 -15.57
CA VAL D 153 -35.26 -0.53 -15.83
C VAL D 153 -33.99 -1.05 -15.09
N PRO D 154 -33.86 -2.37 -14.80
CA PRO D 154 -32.67 -2.81 -14.03
C PRO D 154 -31.35 -2.89 -14.83
N TYR D 155 -31.42 -3.40 -16.06
CA TYR D 155 -30.26 -3.60 -16.90
C TYR D 155 -30.48 -3.30 -18.40
N PHE D 156 -29.38 -2.90 -19.07
CA PHE D 156 -29.32 -2.63 -20.50
C PHE D 156 -28.04 -3.24 -21.13
N SER D 157 -28.25 -4.17 -22.08
CA SER D 157 -27.21 -4.88 -22.82
C SER D 157 -27.33 -4.64 -24.32
N LEU E 4 4.67 -13.81 0.73
CA LEU E 4 3.98 -12.87 1.61
C LEU E 4 3.88 -13.43 3.05
N THR E 5 4.72 -12.88 3.97
CA THR E 5 4.77 -13.26 5.39
C THR E 5 3.51 -12.80 6.13
N GLY E 6 2.96 -11.67 5.69
CA GLY E 6 1.80 -11.02 6.29
C GLY E 6 2.21 -10.10 7.43
N LEU E 7 3.45 -10.33 7.96
CA LEU E 7 4.07 -9.61 9.07
C LEU E 7 4.25 -8.14 8.80
N PRO E 8 3.91 -7.28 9.79
CA PRO E 8 4.11 -5.83 9.62
C PRO E 8 5.60 -5.42 9.53
N ASN E 9 5.82 -4.17 9.08
CA ASN E 9 7.12 -3.53 8.84
C ASN E 9 7.59 -2.68 10.02
N ARG E 10 8.81 -2.12 9.89
CA ARG E 10 9.45 -1.22 10.85
C ARG E 10 8.51 -0.05 11.27
N ARG E 11 7.89 0.65 10.29
CA ARG E 11 6.98 1.79 10.47
C ARG E 11 5.77 1.50 11.38
N TYR E 12 5.15 0.31 11.21
CA TYR E 12 4.01 -0.16 11.99
C TYR E 12 4.50 -0.49 13.41
N PHE E 13 5.60 -1.28 13.52
CA PHE E 13 6.24 -1.67 14.78
C PHE E 13 6.48 -0.45 15.68
N PHE E 14 7.01 0.64 15.11
CA PHE E 14 7.30 1.88 15.82
C PHE E 14 6.06 2.57 16.36
N GLU E 15 4.99 2.66 15.56
CA GLU E 15 3.74 3.26 16.04
C GLU E 15 3.10 2.47 17.16
N LEU E 16 2.85 1.15 16.95
CA LEU E 16 2.35 0.26 18.00
C LEU E 16 3.28 0.25 19.20
N GLY E 17 4.59 0.06 18.94
CA GLY E 17 5.64 0.02 19.95
C GLY E 17 5.58 1.14 20.97
N ASN E 18 5.62 2.41 20.49
CA ASN E 18 5.57 3.58 21.34
C ASN E 18 4.28 3.72 22.11
N ARG E 19 3.14 3.35 21.49
CA ARG E 19 1.83 3.33 22.18
C ARG E 19 1.88 2.38 23.36
N TYR E 20 2.48 1.18 23.15
CA TYR E 20 2.66 0.15 24.17
C TYR E 20 3.50 0.69 25.32
N LEU E 21 4.60 1.42 24.99
CA LEU E 21 5.44 2.10 25.98
C LEU E 21 4.66 3.20 26.73
N ASP E 22 3.85 4.06 26.01
CA ASP E 22 2.99 5.10 26.62
C ASP E 22 2.06 4.46 27.62
N LEU E 23 1.44 3.33 27.23
CA LEU E 23 0.53 2.57 28.09
C LEU E 23 1.23 1.99 29.31
N ALA E 24 2.44 1.42 29.13
CA ALA E 24 3.24 0.87 30.22
C ALA E 24 3.65 1.93 31.25
N LYS E 25 4.05 3.16 30.76
CA LYS E 25 4.40 4.35 31.55
C LYS E 25 3.25 4.67 32.50
N ARG E 26 2.02 4.75 31.96
CA ARG E 26 0.82 5.06 32.75
C ARG E 26 0.41 3.97 33.74
N GLU E 27 0.49 2.69 33.34
CA GLU E 27 0.03 1.55 34.15
C GLU E 27 1.06 1.01 35.12
N GLY E 28 2.30 1.46 34.98
CA GLY E 28 3.41 1.06 35.82
C GLY E 28 3.81 -0.38 35.56
N LYS E 29 4.00 -0.72 34.27
CA LYS E 29 4.36 -2.06 33.78
C LYS E 29 5.65 -1.99 32.98
N LYS E 30 6.24 -3.17 32.79
CA LYS E 30 7.47 -3.37 32.01
C LYS E 30 7.09 -3.86 30.62
N VAL E 31 8.01 -3.68 29.69
CA VAL E 31 7.85 -4.11 28.33
C VAL E 31 9.18 -4.72 27.94
N PHE E 32 9.16 -5.92 27.32
CA PHE E 32 10.38 -6.55 26.80
C PHE E 32 10.41 -6.32 25.30
N VAL E 33 11.57 -5.98 24.79
CA VAL E 33 11.81 -5.76 23.38
C VAL E 33 12.87 -6.80 22.99
N LEU E 34 12.52 -7.71 22.07
CA LEU E 34 13.43 -8.76 21.59
C LEU E 34 13.88 -8.40 20.20
N PHE E 35 15.17 -8.54 19.95
CA PHE E 35 15.76 -8.29 18.64
C PHE E 35 16.27 -9.61 18.17
N VAL E 36 15.62 -10.17 17.17
CA VAL E 36 15.95 -11.51 16.69
C VAL E 36 16.70 -11.42 15.40
N ASP E 37 17.94 -11.90 15.39
CA ASP E 37 18.71 -11.94 14.16
C ASP E 37 18.89 -13.39 13.76
N LEU E 38 18.62 -13.68 12.48
CA LEU E 38 18.77 -15.01 11.92
C LEU E 38 19.99 -15.07 11.04
N ALA E 39 21.09 -15.57 11.61
CA ALA E 39 22.33 -15.70 10.88
C ALA E 39 22.20 -16.88 9.90
N GLY E 40 22.89 -16.79 8.78
CA GLY E 40 22.85 -17.79 7.72
C GLY E 40 21.93 -17.35 6.59
N PHE E 41 21.21 -16.26 6.80
CA PHE E 41 20.26 -15.73 5.83
C PHE E 41 20.93 -14.96 4.66
N LYS E 42 22.04 -14.24 4.93
CA LYS E 42 22.82 -13.52 3.91
C LYS E 42 23.36 -14.53 2.89
N ALA E 43 23.77 -15.72 3.37
CA ALA E 43 24.26 -16.79 2.51
C ALA E 43 23.13 -17.46 1.71
N ILE E 44 21.92 -17.64 2.30
CA ILE E 44 20.76 -18.29 1.66
C ILE E 44 20.33 -17.63 0.34
N ASN E 45 20.24 -16.28 0.30
CA ASN E 45 19.84 -15.55 -0.90
C ASN E 45 20.96 -15.49 -1.94
N ASP E 46 22.21 -15.38 -1.50
CA ASP E 46 23.39 -15.31 -2.37
C ASP E 46 23.66 -16.67 -3.04
N THR E 47 23.01 -17.73 -2.56
CA THR E 47 23.21 -19.07 -3.09
C THR E 47 21.98 -19.60 -3.80
N TYR E 48 20.79 -19.44 -3.20
CA TYR E 48 19.53 -20.02 -3.69
C TYR E 48 18.54 -19.04 -4.28
N GLY E 49 18.81 -17.76 -4.09
CA GLY E 49 17.96 -16.72 -4.64
C GLY E 49 16.90 -16.24 -3.69
N HIS E 50 16.21 -15.18 -4.14
CA HIS E 50 15.15 -14.51 -3.40
C HIS E 50 13.98 -15.34 -3.07
N LEU E 51 13.44 -16.15 -3.99
CA LEU E 51 12.27 -16.98 -3.71
C LEU E 51 12.55 -17.94 -2.52
N SER E 52 13.71 -18.61 -2.54
CA SER E 52 14.14 -19.52 -1.49
C SER E 52 14.30 -18.79 -0.17
N GLY E 53 15.00 -17.65 -0.20
CA GLY E 53 15.20 -16.80 0.96
C GLY E 53 13.91 -16.25 1.53
N ASP E 54 12.91 -15.99 0.65
CA ASP E 54 11.59 -15.47 0.99
C ASP E 54 10.71 -16.54 1.60
N GLU E 55 10.84 -17.79 1.10
CA GLU E 55 10.07 -18.93 1.59
C GLU E 55 10.55 -19.27 3.01
N VAL E 56 11.82 -19.11 3.28
CA VAL E 56 12.42 -19.28 4.60
C VAL E 56 11.85 -18.19 5.54
N LEU E 57 11.75 -16.91 5.04
CA LEU E 57 11.18 -15.78 5.80
C LEU E 57 9.73 -16.01 6.16
N LYS E 58 8.98 -16.64 5.26
CA LYS E 58 7.56 -16.97 5.48
C LYS E 58 7.41 -18.04 6.63
N THR E 59 8.32 -19.06 6.66
CA THR E 59 8.35 -20.11 7.67
C THR E 59 8.79 -19.53 9.02
N VAL E 60 9.85 -18.72 9.00
CA VAL E 60 10.38 -18.05 10.19
C VAL E 60 9.30 -17.21 10.88
N SER E 61 8.54 -16.42 10.09
CA SER E 61 7.42 -15.56 10.53
C SER E 61 6.34 -16.37 11.15
N LYS E 62 5.86 -17.39 10.44
CA LYS E 62 4.80 -18.27 10.96
C LYS E 62 5.23 -18.95 12.28
N ARG E 63 6.53 -19.34 12.37
CA ARG E 63 7.08 -19.97 13.56
C ARG E 63 7.09 -19.03 14.73
N ILE E 64 7.44 -17.74 14.51
CA ILE E 64 7.41 -16.76 15.60
C ILE E 64 5.99 -16.49 16.02
N LEU E 65 5.13 -16.19 15.03
CA LEU E 65 3.72 -15.90 15.23
C LEU E 65 2.97 -16.94 16.00
N ASP E 66 3.22 -18.23 15.73
CA ASP E 66 2.59 -19.36 16.44
C ASP E 66 3.03 -19.51 17.90
N ARG E 67 4.18 -18.96 18.27
CA ARG E 67 4.72 -19.09 19.62
C ARG E 67 4.49 -17.91 20.57
N VAL E 68 4.16 -16.73 20.04
CA VAL E 68 3.88 -15.55 20.88
C VAL E 68 2.41 -15.52 21.26
N ALA E 69 2.09 -14.75 22.31
CA ALA E 69 0.72 -14.52 22.77
C ALA E 69 0.00 -13.57 21.77
N ARG E 70 -1.33 -13.55 21.79
CA ARG E 70 -2.18 -12.72 20.91
C ARG E 70 -1.84 -11.21 21.05
N SER E 71 -1.54 -10.76 22.28
CA SER E 71 -1.21 -9.36 22.60
C SER E 71 0.28 -8.98 22.35
N ASP E 72 1.10 -9.93 21.86
CA ASP E 72 2.51 -9.68 21.58
C ASP E 72 2.67 -9.16 20.17
N VAL E 73 3.54 -8.16 19.99
CA VAL E 73 3.77 -7.54 18.69
C VAL E 73 4.99 -8.11 18.03
N VAL E 74 4.79 -8.72 16.88
CA VAL E 74 5.85 -9.32 16.07
C VAL E 74 5.91 -8.51 14.76
N ALA E 75 7.12 -8.16 14.33
CA ALA E 75 7.31 -7.46 13.07
C ALA E 75 8.67 -7.82 12.49
N ARG E 76 8.84 -7.59 11.20
CA ARG E 76 10.13 -7.81 10.57
C ARG E 76 10.84 -6.46 10.58
N TYR E 77 12.09 -6.43 11.04
CA TYR E 77 12.83 -5.17 11.00
C TYR E 77 13.43 -4.97 9.62
N GLY E 78 14.33 -5.85 9.21
CA GLY E 78 14.95 -5.75 7.91
C GLY E 78 16.05 -6.76 7.70
N GLY E 79 16.00 -7.48 6.59
CA GLY E 79 16.97 -8.51 6.26
C GLY E 79 16.80 -9.67 7.22
N ASP E 80 17.89 -10.06 7.90
CA ASP E 80 17.89 -11.14 8.90
C ASP E 80 17.14 -10.76 10.21
N GLU E 81 16.42 -9.60 10.29
CA GLU E 81 15.91 -9.14 11.56
C GLU E 81 14.43 -9.05 11.83
N PHE E 82 14.03 -9.49 13.03
CA PHE E 82 12.65 -9.49 13.51
C PHE E 82 12.64 -8.91 14.90
N THR E 83 11.55 -8.27 15.23
CA THR E 83 11.39 -7.62 16.53
C THR E 83 10.14 -8.17 17.20
N ILE E 84 10.20 -8.38 18.51
CA ILE E 84 9.06 -8.88 19.27
C ILE E 84 8.91 -7.98 20.48
N LEU E 85 7.67 -7.56 20.75
CA LEU E 85 7.35 -6.71 21.89
C LEU E 85 6.39 -7.45 22.84
N LEU E 86 6.77 -7.55 24.12
CA LEU E 86 6.03 -8.22 25.18
C LEU E 86 5.59 -7.19 26.19
N TYR E 87 4.29 -6.94 26.30
CA TYR E 87 3.78 -5.98 27.27
C TYR E 87 3.47 -6.72 28.57
N ASP E 88 3.93 -6.18 29.73
CA ASP E 88 3.65 -6.73 31.05
C ASP E 88 3.66 -8.28 31.09
N MET E 89 4.82 -8.89 30.86
CA MET E 89 4.95 -10.36 30.93
C MET E 89 5.98 -10.70 32.01
N LYS E 90 5.80 -11.84 32.68
CA LYS E 90 6.76 -12.28 33.72
C LYS E 90 8.09 -12.70 33.07
N GLU E 91 9.20 -12.60 33.80
CA GLU E 91 10.55 -12.99 33.28
C GLU E 91 10.58 -14.51 32.89
N GLU E 92 9.78 -15.32 33.60
CA GLU E 92 9.57 -16.74 33.38
C GLU E 92 8.98 -16.94 31.96
N TYR E 93 7.95 -16.14 31.60
CA TYR E 93 7.32 -16.16 30.29
C TYR E 93 8.34 -15.86 29.18
N LEU E 94 9.22 -14.88 29.42
CA LEU E 94 10.29 -14.50 28.51
C LEU E 94 11.31 -15.63 28.31
N LYS E 95 11.84 -16.21 29.41
CA LYS E 95 12.84 -17.30 29.36
C LYS E 95 12.27 -18.47 28.55
N SER E 96 11.02 -18.83 28.81
CA SER E 96 10.28 -19.87 28.08
C SER E 96 10.08 -19.47 26.61
N LEU E 97 9.58 -18.25 26.34
CA LEU E 97 9.41 -17.82 24.95
C LEU E 97 10.71 -17.91 24.18
N LEU E 98 11.86 -17.41 24.74
CA LEU E 98 13.18 -17.47 24.09
C LEU E 98 13.61 -18.93 23.75
N GLU E 99 13.38 -19.87 24.69
CA GLU E 99 13.67 -21.29 24.53
C GLU E 99 12.85 -21.91 23.41
N ARG E 100 11.55 -21.62 23.37
CA ARG E 100 10.64 -22.13 22.32
C ARG E 100 10.95 -21.53 20.94
N ILE E 101 11.35 -20.25 20.89
CA ILE E 101 11.75 -19.66 19.62
C ILE E 101 13.09 -20.28 19.16
N LEU E 102 14.12 -20.34 20.02
CA LEU E 102 15.40 -20.97 19.66
C LEU E 102 15.25 -22.42 19.20
N SER E 103 14.42 -23.20 19.90
CA SER E 103 14.10 -24.59 19.57
C SER E 103 13.57 -24.71 18.14
N THR E 104 12.69 -23.80 17.74
CA THR E 104 12.10 -23.77 16.39
C THR E 104 13.13 -23.66 15.24
N PHE E 105 14.25 -22.94 15.44
CA PHE E 105 15.31 -22.72 14.44
C PHE E 105 16.45 -23.71 14.47
N ARG E 106 16.34 -24.73 15.31
CA ARG E 106 17.31 -25.82 15.39
C ARG E 106 16.96 -26.70 14.19
N GLU E 107 15.67 -26.61 13.77
CA GLU E 107 15.04 -27.29 12.64
C GLU E 107 15.41 -26.62 11.31
N PRO E 108 16.33 -27.23 10.49
CA PRO E 108 16.65 -26.61 9.18
C PRO E 108 15.38 -26.51 8.37
N VAL E 109 15.13 -25.33 7.79
CA VAL E 109 13.90 -25.04 7.05
C VAL E 109 13.87 -25.76 5.73
N ARG E 110 12.74 -26.41 5.45
CA ARG E 110 12.55 -27.14 4.22
C ARG E 110 11.90 -26.25 3.17
N VAL E 111 12.70 -25.83 2.19
CA VAL E 111 12.20 -25.03 1.06
C VAL E 111 12.53 -25.80 -0.20
N GLU E 112 11.48 -26.31 -0.89
CA GLU E 112 11.61 -27.16 -2.08
C GLU E 112 12.24 -28.53 -1.67
N ASN E 113 13.31 -28.91 -2.38
CA ASN E 113 14.12 -30.12 -2.15
C ASN E 113 15.34 -29.76 -1.26
N LYS E 114 15.36 -28.49 -0.77
CA LYS E 114 16.44 -27.96 0.05
C LYS E 114 16.09 -28.01 1.54
N HIS E 115 17.14 -28.05 2.37
CA HIS E 115 17.09 -28.09 3.83
C HIS E 115 18.04 -27.00 4.24
N LEU E 116 17.44 -25.79 4.45
CA LEU E 116 18.19 -24.57 4.72
C LEU E 116 18.33 -24.24 6.18
N SER E 117 19.55 -23.91 6.60
CA SER E 117 19.77 -23.62 8.00
C SER E 117 20.01 -22.16 8.33
N VAL E 118 19.30 -21.72 9.38
CA VAL E 118 19.41 -20.40 10.00
C VAL E 118 19.68 -20.59 11.48
N THR E 119 20.54 -19.74 12.04
CA THR E 119 20.89 -19.76 13.45
C THR E 119 20.32 -18.52 14.13
N PRO E 120 19.54 -18.69 15.21
CA PRO E 120 18.97 -17.51 15.89
C PRO E 120 19.89 -16.88 16.94
N ASN E 121 19.90 -15.54 16.95
CA ASN E 121 20.58 -14.68 17.89
C ASN E 121 19.59 -13.64 18.38
N ILE E 122 19.29 -13.67 19.69
CA ILE E 122 18.30 -12.77 20.30
C ILE E 122 18.90 -11.90 21.39
N GLY E 123 18.60 -10.62 21.32
CA GLY E 123 18.96 -9.63 22.33
C GLY E 123 17.69 -9.11 22.97
N VAL E 124 17.73 -8.90 24.29
CA VAL E 124 16.58 -8.40 25.06
C VAL E 124 16.90 -7.07 25.72
N ALA E 125 15.90 -6.19 25.75
CA ALA E 125 15.89 -4.89 26.43
C ALA E 125 14.60 -4.82 27.21
N ARG E 126 14.62 -4.13 28.36
CA ARG E 126 13.47 -3.94 29.23
C ARG E 126 13.13 -2.47 29.42
N PHE E 127 11.87 -2.15 29.23
CA PHE E 127 11.37 -0.82 29.49
C PHE E 127 10.82 -0.86 30.93
N PRO E 128 11.09 0.14 31.80
CA PRO E 128 11.86 1.40 31.59
C PRO E 128 13.39 1.35 31.67
N GLU E 129 13.98 0.39 32.42
CA GLU E 129 15.43 0.25 32.68
C GLU E 129 16.37 0.59 31.50
N ASP E 130 16.10 0.04 30.32
CA ASP E 130 16.97 0.21 29.17
C ASP E 130 16.70 1.40 28.27
N GLY E 131 15.62 2.14 28.52
CA GLY E 131 15.27 3.29 27.69
C GLY E 131 13.82 3.68 27.78
N GLU E 132 13.50 4.92 27.35
CA GLU E 132 12.14 5.47 27.41
C GLU E 132 11.37 5.50 26.07
N ASN E 133 12.05 5.18 24.97
CA ASN E 133 11.41 5.04 23.66
C ASN E 133 11.90 3.76 22.94
N LEU E 134 11.20 3.41 21.83
CA LEU E 134 11.45 2.21 21.05
C LEU E 134 12.79 2.14 20.36
N GLU E 135 13.25 3.28 19.76
CA GLU E 135 14.57 3.37 19.11
C GLU E 135 15.71 3.05 20.10
N GLU E 136 15.62 3.60 21.35
CA GLU E 136 16.55 3.39 22.47
C GLU E 136 16.63 1.92 22.86
N LEU E 137 15.47 1.28 23.14
CA LEU E 137 15.33 -0.12 23.50
C LEU E 137 15.81 -1.08 22.42
N LEU E 138 15.56 -0.76 21.15
CA LEU E 138 15.98 -1.57 20.01
C LEU E 138 17.46 -1.56 19.82
N LYS E 139 18.10 -0.44 20.16
CA LYS E 139 19.55 -0.28 20.07
C LYS E 139 20.23 -1.08 21.19
N VAL E 140 19.66 -1.07 22.41
CA VAL E 140 20.17 -1.87 23.53
C VAL E 140 20.04 -3.37 23.19
N ALA E 141 18.83 -3.80 22.70
CA ALA E 141 18.52 -5.15 22.29
C ALA E 141 19.45 -5.59 21.14
N ASP E 142 19.68 -4.70 20.15
CA ASP E 142 20.57 -4.93 18.99
C ASP E 142 22.06 -5.12 19.43
N MET E 143 22.52 -4.33 20.42
CA MET E 143 23.84 -4.34 21.06
C MET E 143 24.03 -5.70 21.78
N ARG E 144 22.96 -6.16 22.48
CA ARG E 144 22.91 -7.40 23.24
C ARG E 144 22.81 -8.65 22.35
N MET E 145 22.12 -8.56 21.17
CA MET E 145 22.09 -9.68 20.23
C MET E 145 23.45 -9.79 19.58
N TYR E 146 24.12 -8.63 19.31
CA TYR E 146 25.46 -8.63 18.74
C TYR E 146 26.49 -9.20 19.72
N LYS E 147 26.29 -8.96 21.06
CA LYS E 147 27.14 -9.54 22.10
C LYS E 147 26.93 -11.04 22.06
N ALA E 148 25.66 -11.49 22.00
CA ALA E 148 25.32 -12.91 21.90
C ALA E 148 25.94 -13.53 20.65
N LYS E 149 25.80 -12.88 19.47
CA LYS E 149 26.31 -13.31 18.16
C LYS E 149 27.81 -13.59 18.20
N GLU E 150 28.60 -12.61 18.69
CA GLU E 150 30.06 -12.71 18.79
C GLU E 150 30.50 -13.73 19.85
N MET E 151 29.69 -13.91 20.93
CA MET E 151 29.97 -14.85 22.03
C MET E 151 29.59 -16.30 21.67
N LYS E 152 28.97 -16.49 20.49
CA LYS E 152 28.49 -17.79 19.99
C LYS E 152 27.43 -18.47 20.90
N VAL E 153 26.72 -17.65 21.74
CA VAL E 153 25.62 -18.05 22.64
C VAL E 153 24.26 -17.71 21.97
N PRO E 154 23.11 -18.33 22.36
CA PRO E 154 21.86 -18.01 21.64
C PRO E 154 21.20 -16.67 22.00
N TYR E 155 21.19 -16.32 23.29
CA TYR E 155 20.57 -15.11 23.78
C TYR E 155 21.32 -14.38 24.90
N PHE E 156 21.10 -13.04 24.97
CA PHE E 156 21.64 -12.15 25.98
C PHE E 156 20.56 -11.14 26.46
N SER E 157 20.24 -11.21 27.78
CA SER E 157 19.27 -10.37 28.46
C SER E 157 19.93 -9.58 29.60
N THR F 5 -16.24 44.36 24.84
CA THR F 5 -16.68 43.02 25.25
C THR F 5 -18.19 42.94 25.43
N GLY F 6 -18.79 44.06 25.86
CA GLY F 6 -20.20 44.16 26.18
C GLY F 6 -20.49 43.73 27.60
N LEU F 7 -19.53 42.96 28.19
CA LEU F 7 -19.58 42.41 29.55
C LEU F 7 -19.65 43.48 30.62
N PRO F 8 -20.51 43.28 31.63
CA PRO F 8 -20.58 44.24 32.75
C PRO F 8 -19.30 44.28 33.61
N ASN F 9 -19.21 45.31 34.47
CA ASN F 9 -18.07 45.60 35.35
C ASN F 9 -18.29 45.16 36.81
N ARG F 10 -17.26 45.38 37.65
CA ARG F 10 -17.25 45.12 39.09
C ARG F 10 -18.54 45.63 39.79
N ARG F 11 -18.89 46.93 39.64
CA ARG F 11 -20.07 47.57 40.25
C ARG F 11 -21.40 46.92 39.95
N TYR F 12 -21.62 46.49 38.69
CA TYR F 12 -22.83 45.79 38.25
C TYR F 12 -22.85 44.40 38.90
N PHE F 13 -21.73 43.66 38.80
CA PHE F 13 -21.55 42.33 39.39
C PHE F 13 -21.95 42.31 40.86
N PHE F 14 -21.49 43.33 41.62
CA PHE F 14 -21.77 43.48 43.03
C PHE F 14 -23.23 43.68 43.34
N GLU F 15 -23.93 44.55 42.59
CA GLU F 15 -25.37 44.74 42.79
C GLU F 15 -26.20 43.50 42.49
N LEU F 16 -26.05 42.92 41.28
CA LEU F 16 -26.70 41.65 40.92
C LEU F 16 -26.29 40.54 41.88
N GLY F 17 -24.98 40.42 42.15
CA GLY F 17 -24.41 39.42 43.05
C GLY F 17 -25.11 39.32 44.39
N ASN F 18 -25.18 40.44 45.15
CA ASN F 18 -25.82 40.48 46.45
C ASN F 18 -27.30 40.20 46.42
N ARG F 19 -28.00 40.65 45.37
CA ARG F 19 -29.43 40.33 45.16
C ARG F 19 -29.62 38.82 45.05
N TYR F 20 -28.72 38.17 44.27
CA TYR F 20 -28.70 36.71 44.05
C TYR F 20 -28.50 36.00 45.39
N LEU F 21 -27.56 36.51 46.22
CA LEU F 21 -27.32 36.01 47.58
C LEU F 21 -28.56 36.21 48.50
N ASP F 22 -29.20 37.43 48.45
CA ASP F 22 -30.45 37.72 49.21
C ASP F 22 -31.51 36.71 48.85
N LEU F 23 -31.68 36.45 47.53
CA LEU F 23 -32.64 35.48 47.01
C LEU F 23 -32.33 34.05 47.46
N ALA F 24 -31.04 33.65 47.42
CA ALA F 24 -30.60 32.32 47.87
C ALA F 24 -30.87 32.10 49.36
N LYS F 25 -30.61 33.13 50.21
CA LYS F 25 -30.86 33.17 51.67
C LYS F 25 -32.32 32.82 51.92
N ARG F 26 -33.24 33.50 51.20
CA ARG F 26 -34.68 33.28 51.35
C ARG F 26 -35.19 31.94 50.83
N GLU F 27 -34.67 31.48 49.68
CA GLU F 27 -35.12 30.22 49.03
C GLU F 27 -34.43 28.97 49.53
N GLY F 28 -33.37 29.14 50.31
CA GLY F 28 -32.60 28.05 50.88
C GLY F 28 -31.82 27.32 49.81
N LYS F 29 -31.07 28.08 48.98
CA LYS F 29 -30.27 27.60 47.86
C LYS F 29 -28.81 28.03 48.02
N LYS F 30 -27.94 27.37 47.27
CA LYS F 30 -26.51 27.65 47.21
C LYS F 30 -26.21 28.52 45.98
N VAL F 31 -25.07 29.19 46.03
CA VAL F 31 -24.61 30.04 44.95
C VAL F 31 -23.13 29.75 44.82
N PHE F 32 -22.64 29.51 43.59
CA PHE F 32 -21.22 29.32 43.35
C PHE F 32 -20.68 30.62 42.78
N VAL F 33 -19.51 31.01 43.25
CA VAL F 33 -18.83 32.21 42.80
C VAL F 33 -17.49 31.72 42.25
N LEU F 34 -17.26 31.94 40.95
CA LEU F 34 -16.02 31.53 40.25
C LEU F 34 -15.18 32.75 40.02
N PHE F 35 -13.89 32.64 40.30
CA PHE F 35 -12.94 33.71 40.08
C PHE F 35 -12.00 33.18 39.02
N VAL F 36 -12.09 33.74 37.84
CA VAL F 36 -11.32 33.28 36.69
C VAL F 36 -10.16 34.19 36.43
N ASP F 37 -8.95 33.67 36.52
CA ASP F 37 -7.77 34.47 36.19
C ASP F 37 -7.11 33.87 34.97
N LEU F 38 -6.84 34.72 33.99
CA LEU F 38 -6.22 34.33 32.74
C LEU F 38 -4.80 34.78 32.71
N ALA F 39 -3.88 33.90 33.12
CA ALA F 39 -2.45 34.19 33.14
C ALA F 39 -1.92 34.26 31.70
N GLY F 40 -0.93 35.11 31.49
CA GLY F 40 -0.33 35.34 30.18
C GLY F 40 -0.84 36.62 29.58
N PHE F 41 -1.86 37.21 30.21
CA PHE F 41 -2.45 38.45 29.75
C PHE F 41 -1.58 39.72 30.01
N LYS F 42 -0.89 39.80 31.18
CA LYS F 42 0.02 40.92 31.47
C LYS F 42 1.19 40.93 30.46
N ALA F 43 1.60 39.75 29.97
CA ALA F 43 2.64 39.63 28.95
C ALA F 43 2.15 40.02 27.54
N ILE F 44 0.86 39.75 27.21
CA ILE F 44 0.25 40.07 25.90
C ILE F 44 0.21 41.58 25.62
N ASN F 45 -0.30 42.40 26.57
CA ASN F 45 -0.39 43.85 26.42
C ASN F 45 0.98 44.51 26.44
N ASP F 46 1.90 43.99 27.25
CA ASP F 46 3.25 44.52 27.37
C ASP F 46 4.16 44.11 26.20
N THR F 47 3.60 43.40 25.20
CA THR F 47 4.34 42.96 24.01
C THR F 47 3.66 43.41 22.73
N TYR F 48 2.33 43.21 22.65
CA TYR F 48 1.51 43.46 21.46
C TYR F 48 0.61 44.68 21.51
N GLY F 49 0.47 45.25 22.70
CA GLY F 49 -0.32 46.45 22.92
C GLY F 49 -1.74 46.17 23.31
N HIS F 50 -2.44 47.27 23.63
CA HIS F 50 -3.82 47.28 24.07
C HIS F 50 -4.81 46.73 23.12
N LEU F 51 -4.75 47.05 21.83
CA LEU F 51 -5.71 46.52 20.85
C LEU F 51 -5.68 44.97 20.83
N SER F 52 -4.48 44.39 20.77
CA SER F 52 -4.28 42.94 20.78
C SER F 52 -4.79 42.32 22.07
N GLY F 53 -4.43 42.90 23.22
CA GLY F 53 -4.91 42.44 24.52
C GLY F 53 -6.41 42.59 24.70
N ASP F 54 -7.00 43.61 24.05
CA ASP F 54 -8.43 43.88 24.08
C ASP F 54 -9.19 42.92 23.22
N GLU F 55 -8.61 42.54 22.07
CA GLU F 55 -9.21 41.61 21.13
C GLU F 55 -9.25 40.22 21.77
N VAL F 56 -8.23 39.88 22.55
CA VAL F 56 -8.16 38.65 23.33
C VAL F 56 -9.28 38.68 24.41
N LEU F 57 -9.48 39.84 25.09
CA LEU F 57 -10.53 40.03 26.11
C LEU F 57 -11.91 39.86 25.52
N LYS F 58 -12.12 40.33 24.28
CA LYS F 58 -13.38 40.20 23.57
C LYS F 58 -13.71 38.70 23.27
N THR F 59 -12.67 37.90 22.87
CA THR F 59 -12.78 36.47 22.56
C THR F 59 -13.02 35.69 23.85
N VAL F 60 -12.25 36.00 24.90
CA VAL F 60 -12.38 35.38 26.21
C VAL F 60 -13.79 35.53 26.76
N SER F 61 -14.37 36.75 26.67
CA SER F 61 -15.73 37.12 27.11
C SER F 61 -16.74 36.33 26.36
N LYS F 62 -16.69 36.36 25.03
CA LYS F 62 -17.63 35.61 24.19
C LYS F 62 -17.57 34.10 24.50
N ARG F 63 -16.36 33.56 24.77
CA ARG F 63 -16.16 32.16 25.10
C ARG F 63 -16.81 31.82 26.41
N ILE F 64 -16.70 32.70 27.43
CA ILE F 64 -17.36 32.44 28.72
C ILE F 64 -18.86 32.53 28.55
N LEU F 65 -19.33 33.62 27.93
CA LEU F 65 -20.74 33.88 27.69
C LEU F 65 -21.47 32.78 26.98
N ASP F 66 -20.84 32.17 25.96
CA ASP F 66 -21.42 31.05 25.19
C ASP F 66 -21.54 29.76 25.98
N ARG F 67 -20.77 29.61 27.06
CA ARG F 67 -20.75 28.37 27.84
C ARG F 67 -21.59 28.37 29.13
N VAL F 68 -21.95 29.55 29.64
CA VAL F 68 -22.79 29.64 30.85
C VAL F 68 -24.26 29.61 30.47
N ALA F 69 -25.12 29.33 31.46
CA ALA F 69 -26.57 29.34 31.32
C ALA F 69 -27.06 30.81 31.26
N ARG F 70 -28.27 31.02 30.74
CA ARG F 70 -28.91 32.35 30.61
C ARG F 70 -28.99 33.11 31.96
N SER F 71 -29.29 32.38 33.05
CA SER F 71 -29.41 32.91 34.42
C SER F 71 -28.08 33.07 35.18
N ASP F 72 -26.95 32.72 34.54
CA ASP F 72 -25.63 32.85 35.16
C ASP F 72 -25.08 34.24 34.91
N VAL F 73 -24.45 34.83 35.93
CA VAL F 73 -23.90 36.17 35.86
C VAL F 73 -22.42 36.14 35.57
N VAL F 74 -22.04 36.71 34.45
CA VAL F 74 -20.66 36.81 34.02
C VAL F 74 -20.30 38.30 34.03
N ALA F 75 -19.13 38.63 34.56
CA ALA F 75 -18.65 40.01 34.53
C ALA F 75 -17.13 40.00 34.50
N ARG F 76 -16.55 41.11 34.11
CA ARG F 76 -15.09 41.18 34.12
C ARG F 76 -14.66 41.95 35.39
N TYR F 77 -13.80 41.34 36.22
CA TYR F 77 -13.36 42.01 37.44
C TYR F 77 -12.32 43.07 37.12
N GLY F 78 -11.16 42.67 36.60
CA GLY F 78 -10.12 43.62 36.23
C GLY F 78 -8.83 42.96 35.84
N GLY F 79 -8.29 43.40 34.71
CA GLY F 79 -7.05 42.86 34.14
C GLY F 79 -7.27 41.44 33.66
N ASP F 80 -6.50 40.48 34.21
CA ASP F 80 -6.64 39.07 33.88
C ASP F 80 -7.93 38.41 34.48
N GLU F 81 -8.82 39.19 35.18
CA GLU F 81 -9.92 38.62 35.95
C GLU F 81 -11.37 38.76 35.55
N PHE F 82 -12.11 37.64 35.65
CA PHE F 82 -13.54 37.52 35.34
C PHE F 82 -14.19 36.79 36.46
N THR F 83 -15.45 37.10 36.69
CA THR F 83 -16.21 36.50 37.77
C THR F 83 -17.47 35.88 37.19
N ILE F 84 -17.85 34.72 37.70
CA ILE F 84 -19.05 34.02 37.25
C ILE F 84 -19.84 33.66 38.48
N LEU F 85 -21.15 33.90 38.45
CA LEU F 85 -22.06 33.57 39.53
C LEU F 85 -23.12 32.56 39.05
N LEU F 86 -23.22 31.43 39.76
CA LEU F 86 -24.15 30.33 39.49
C LEU F 86 -25.15 30.24 40.63
N TYR F 87 -26.41 30.52 40.34
CA TYR F 87 -27.46 30.43 41.35
C TYR F 87 -28.04 29.03 41.31
N ASP F 88 -28.19 28.37 42.48
CA ASP F 88 -28.80 27.05 42.61
C ASP F 88 -28.47 26.09 41.45
N MET F 89 -27.20 25.70 41.33
CA MET F 89 -26.78 24.74 40.29
C MET F 89 -26.18 23.52 40.98
N LYS F 90 -26.34 22.34 40.39
CA LYS F 90 -25.77 21.11 40.95
C LYS F 90 -24.22 21.13 40.84
N GLU F 91 -23.53 20.42 41.73
CA GLU F 91 -22.04 20.35 41.71
C GLU F 91 -21.51 19.73 40.37
N GLU F 92 -22.32 18.83 39.79
CA GLU F 92 -22.10 18.19 38.50
C GLU F 92 -22.05 19.29 37.39
N TYR F 93 -23.02 20.23 37.41
CA TYR F 93 -23.10 21.35 36.49
C TYR F 93 -21.82 22.22 36.58
N LEU F 94 -21.35 22.45 37.80
CA LEU F 94 -20.13 23.20 38.06
C LEU F 94 -18.88 22.51 37.51
N LYS F 95 -18.68 21.20 37.82
CA LYS F 95 -17.53 20.42 37.35
C LYS F 95 -17.47 20.46 35.82
N SER F 96 -18.63 20.26 35.18
CA SER F 96 -18.77 20.35 33.71
C SER F 96 -18.49 21.76 33.20
N LEU F 97 -19.11 22.79 33.80
CA LEU F 97 -18.84 24.16 33.38
C LEU F 97 -17.35 24.49 33.46
N LEU F 98 -16.65 24.14 34.57
CA LEU F 98 -15.20 24.38 34.73
C LEU F 98 -14.37 23.71 33.62
N GLU F 99 -14.71 22.45 33.27
CA GLU F 99 -14.08 21.67 32.22
C GLU F 99 -14.24 22.31 30.86
N ARG F 100 -15.45 22.77 30.54
CA ARG F 100 -15.75 23.43 29.26
C ARG F 100 -15.09 24.80 29.16
N ILE F 101 -14.99 25.53 30.27
CA ILE F 101 -14.29 26.82 30.26
C ILE F 101 -12.79 26.58 30.07
N LEU F 102 -12.17 25.68 30.88
CA LEU F 102 -10.73 25.35 30.74
C LEU F 102 -10.38 24.87 29.34
N SER F 103 -11.22 24.00 28.74
CA SER F 103 -11.07 23.49 27.38
C SER F 103 -10.95 24.64 26.36
N THR F 104 -11.79 25.70 26.47
CA THR F 104 -11.70 26.85 25.54
C THR F 104 -10.39 27.57 25.51
N PHE F 105 -9.71 27.68 26.66
CA PHE F 105 -8.43 28.38 26.75
C PHE F 105 -7.21 27.57 26.47
N ARG F 106 -7.39 26.32 26.05
CA ARG F 106 -6.30 25.43 25.63
C ARG F 106 -5.98 25.89 24.21
N GLU F 107 -7.01 26.46 23.54
CA GLU F 107 -6.98 27.02 22.17
C GLU F 107 -6.34 28.41 22.17
N PRO F 108 -5.04 28.58 21.70
CA PRO F 108 -4.42 29.91 21.68
C PRO F 108 -5.27 30.85 20.85
N VAL F 109 -5.53 32.07 21.36
CA VAL F 109 -6.40 33.04 20.71
C VAL F 109 -5.79 33.64 19.46
N ARG F 110 -6.56 33.64 18.37
CA ARG F 110 -6.12 34.22 17.12
C ARG F 110 -6.54 35.67 17.02
N VAL F 111 -5.57 36.56 17.19
CA VAL F 111 -5.77 37.99 17.01
C VAL F 111 -4.83 38.43 15.90
N GLU F 112 -5.40 38.86 14.75
CA GLU F 112 -4.63 39.26 13.56
C GLU F 112 -3.92 38.01 12.96
N ASN F 113 -2.59 38.14 12.77
CA ASN F 113 -1.67 37.13 12.26
C ASN F 113 -0.92 36.48 13.44
N LYS F 114 -1.39 36.75 14.68
CA LYS F 114 -0.82 36.24 15.92
C LYS F 114 -1.70 35.12 16.52
N HIS F 115 -1.08 34.27 17.34
CA HIS F 115 -1.68 33.12 18.03
C HIS F 115 -1.22 33.30 19.45
N LEU F 116 -2.10 33.96 20.24
CA LEU F 116 -1.80 34.37 21.61
C LEU F 116 -2.30 33.40 22.65
N SER F 117 -1.43 33.05 23.61
CA SER F 117 -1.83 32.10 24.62
C SER F 117 -2.07 32.68 26.01
N VAL F 118 -3.21 32.26 26.58
CA VAL F 118 -3.65 32.54 27.93
C VAL F 118 -3.92 31.23 28.65
N THR F 119 -3.55 31.17 29.93
CA THR F 119 -3.75 29.98 30.77
C THR F 119 -4.81 30.29 31.82
N PRO F 120 -5.87 29.47 31.92
CA PRO F 120 -6.90 29.74 32.93
C PRO F 120 -6.62 29.12 34.30
N ASN F 121 -6.93 29.90 35.34
CA ASN F 121 -6.85 29.54 36.75
C ASN F 121 -8.14 30.01 37.41
N ILE F 122 -8.94 29.04 37.89
CA ILE F 122 -10.24 29.27 38.50
C ILE F 122 -10.31 28.85 39.96
N GLY F 123 -10.85 29.72 40.78
CA GLY F 123 -11.13 29.47 42.18
C GLY F 123 -12.63 29.49 42.40
N VAL F 124 -13.13 28.58 43.23
CA VAL F 124 -14.57 28.48 43.54
C VAL F 124 -14.83 28.70 45.01
N ALA F 125 -15.95 29.40 45.32
CA ALA F 125 -16.50 29.62 46.65
C ALA F 125 -17.98 29.28 46.56
N ARG F 126 -18.53 28.81 47.68
CA ARG F 126 -19.95 28.44 47.80
C ARG F 126 -20.66 29.23 48.89
N PHE F 127 -21.79 29.79 48.53
CA PHE F 127 -22.64 30.48 49.49
C PHE F 127 -23.65 29.43 49.95
N PRO F 128 -23.97 29.29 51.26
CA PRO F 128 -23.49 30.08 52.42
C PRO F 128 -22.13 29.73 53.06
N GLU F 129 -21.66 28.45 52.93
CA GLU F 129 -20.42 27.92 53.54
C GLU F 129 -19.22 28.88 53.58
N ASP F 130 -18.89 29.52 52.45
CA ASP F 130 -17.71 30.36 52.35
C ASP F 130 -17.88 31.83 52.71
N GLY F 131 -19.12 32.27 52.95
CA GLY F 131 -19.38 33.67 53.28
C GLY F 131 -20.81 34.08 53.05
N GLU F 132 -21.21 35.21 53.64
CA GLU F 132 -22.59 35.75 53.55
C GLU F 132 -22.79 36.93 52.58
N ASN F 133 -21.69 37.47 52.04
CA ASN F 133 -21.74 38.53 51.03
C ASN F 133 -20.74 38.25 49.88
N LEU F 134 -20.91 38.98 48.77
CA LEU F 134 -20.13 38.82 47.56
C LEU F 134 -18.65 39.13 47.70
N GLU F 135 -18.32 40.12 48.53
CA GLU F 135 -16.94 40.55 48.84
C GLU F 135 -16.15 39.40 49.54
N GLU F 136 -16.79 38.71 50.52
CA GLU F 136 -16.24 37.56 51.27
C GLU F 136 -16.00 36.37 50.33
N LEU F 137 -17.04 35.98 49.56
CA LEU F 137 -16.99 34.87 48.60
C LEU F 137 -15.95 35.06 47.53
N LEU F 138 -15.77 36.30 47.03
CA LEU F 138 -14.78 36.62 46.00
C LEU F 138 -13.38 36.51 46.51
N LYS F 139 -13.18 36.83 47.80
CA LYS F 139 -11.87 36.73 48.45
C LYS F 139 -11.49 35.25 48.66
N VAL F 140 -12.46 34.41 49.05
CA VAL F 140 -12.25 32.97 49.22
C VAL F 140 -11.91 32.35 47.84
N ALA F 141 -12.71 32.69 46.78
CA ALA F 141 -12.53 32.25 45.41
C ALA F 141 -11.17 32.73 44.87
N ASP F 142 -10.78 33.99 45.15
CA ASP F 142 -9.50 34.60 44.76
C ASP F 142 -8.29 33.90 45.43
N MET F 143 -8.44 33.52 46.71
CA MET F 143 -7.46 32.77 47.53
C MET F 143 -7.27 31.37 46.92
N ARG F 144 -8.39 30.73 46.53
CA ARG F 144 -8.43 29.41 45.94
C ARG F 144 -7.90 29.38 44.50
N MET F 145 -8.10 30.47 43.71
CA MET F 145 -7.52 30.54 42.37
C MET F 145 -6.03 30.74 42.51
N TYR F 146 -5.59 31.52 43.53
CA TYR F 146 -4.17 31.74 43.79
C TYR F 146 -3.50 30.46 44.26
N LYS F 147 -4.23 29.60 45.03
CA LYS F 147 -3.72 28.28 45.46
C LYS F 147 -3.54 27.44 44.20
N ALA F 148 -4.55 27.44 43.30
CA ALA F 148 -4.51 26.73 42.01
C ALA F 148 -3.36 27.23 41.13
N LYS F 149 -3.17 28.57 41.04
CA LYS F 149 -2.12 29.24 40.26
C LYS F 149 -0.72 28.78 40.68
N GLU F 150 -0.42 28.86 41.98
CA GLU F 150 0.87 28.46 42.53
C GLU F 150 1.10 26.94 42.47
N MET F 151 0.02 26.13 42.55
CA MET F 151 0.08 24.66 42.49
C MET F 151 0.19 24.15 41.07
N LYS F 152 0.13 25.05 40.06
CA LYS F 152 0.17 24.74 38.62
C LYS F 152 -0.96 23.79 38.13
N VAL F 153 -2.09 23.77 38.89
CA VAL F 153 -3.33 23.01 38.59
C VAL F 153 -4.38 23.97 37.96
N PRO F 154 -5.41 23.49 37.22
CA PRO F 154 -6.35 24.43 36.59
C PRO F 154 -7.37 25.09 37.52
N TYR F 155 -7.94 24.31 38.45
CA TYR F 155 -8.97 24.77 39.36
C TYR F 155 -8.88 24.20 40.80
N PHE F 156 -9.41 25.00 41.75
CA PHE F 156 -9.52 24.64 43.17
C PHE F 156 -10.90 25.05 43.74
N SER F 157 -11.65 24.04 44.22
CA SER F 157 -12.99 24.18 44.82
C SER F 157 -13.00 23.64 46.25
#